data_5DPL
#
_entry.id   5DPL
#
_cell.length_a   83.352
_cell.length_b   91.028
_cell.length_c   105.827
_cell.angle_alpha   90.00
_cell.angle_beta   112.30
_cell.angle_gamma   90.00
#
_symmetry.space_group_name_H-M   'P 1 21 1'
#
loop_
_entity.id
_entity.type
_entity.pdbx_description
1 polymer 'protein lysine methyltransferase 2'
2 non-polymer S-ADENOSYL-L-HOMOCYSTEINE
#
_entity_poly.entity_id   1
_entity_poly.type   'polypeptide(L)'
_entity_poly.pdbx_seq_one_letter_code
;GMIKKANKISYDEVPYPPFTFSYTYPPYLRTIGKLFGLNPPLLETAKVLDIGCGIGVNLLNFAETYPKSQSLGVDLSKTQ
IELGKKTISDAKINNVELKALSILDLDESYGKFDYIVCHGVYSWVSQEVQDKILEVLNKLLNPNGIAFVSYNTLPGWNMQ
NTIREMMMFHSESFNTSHDKLQQARLLLKFINDSLGNSTTPYANFLRDEAKLISTYDDSYVLHEYLGEINTGTYFHQFIE
KAQKNHLNYLGDTSIAAMFIGNLPTKAASKLQAINDIVCTEQYMDFITNRKFRSTLLCHQNIPINRKIEFDNLKDFYTTF
NIRPISPENKIDLNNEQENISFYYENLPEPFISTTSAIMKAILYVYAENISNPIRLEQVAKEAFKKLGKYRLQDFLATLE
QHFITLIFQGYLKIFETKPHAIATITEKPKTSQFARYQAKHAHFNNVTNMFSITNRLNDMIGIPIHEKYILEMLDGTHNI
DDIKKSIIEKINSKLLTACDNKGQVVTDPKLLKEFVDYVVAVSLEKFRINYLLVG
;
_entity_poly.pdbx_strand_id   A,B
#
# COMPACT_ATOMS: atom_id res chain seq x y z
N PRO A 15 -3.28 -12.52 31.00
CA PRO A 15 -2.27 -13.52 30.61
C PRO A 15 -2.27 -13.87 29.13
N TYR A 16 -3.30 -14.60 28.70
CA TYR A 16 -3.49 -15.07 27.35
C TYR A 16 -4.91 -14.78 26.91
N PRO A 17 -5.17 -14.70 25.60
CA PRO A 17 -6.54 -14.39 25.15
C PRO A 17 -7.51 -15.51 25.48
N PRO A 18 -8.67 -15.17 26.18
CA PRO A 18 -9.89 -15.99 26.22
C PRO A 18 -10.82 -15.61 25.07
N PHE A 19 -10.58 -16.18 23.88
CA PHE A 19 -11.34 -15.73 22.72
C PHE A 19 -12.07 -16.90 22.07
N THR A 20 -13.23 -16.57 21.51
CA THR A 20 -14.12 -17.51 20.84
C THR A 20 -14.76 -16.79 19.65
N PHE A 21 -14.96 -17.51 18.57
CA PHE A 21 -15.48 -16.91 17.34
C PHE A 21 -16.65 -17.70 16.81
N SER A 22 -17.70 -16.99 16.40
CA SER A 22 -18.88 -17.64 15.83
C SER A 22 -18.54 -18.48 14.60
N TYR A 23 -17.60 -18.01 13.77
CA TYR A 23 -17.30 -18.67 12.51
C TYR A 23 -16.48 -19.96 12.67
N THR A 24 -16.05 -20.30 13.88
CA THR A 24 -15.41 -21.59 14.16
C THR A 24 -16.36 -22.63 14.75
N TYR A 25 -17.64 -22.33 14.88
CA TYR A 25 -18.59 -23.20 15.56
C TYR A 25 -18.95 -24.39 14.66
N PRO A 26 -18.89 -25.63 15.16
CA PRO A 26 -19.28 -26.79 14.32
C PRO A 26 -20.69 -26.66 13.76
N PRO A 27 -21.69 -26.22 14.54
CA PRO A 27 -23.03 -25.99 13.94
C PRO A 27 -23.02 -24.99 12.80
N TYR A 28 -21.94 -24.21 12.66
CA TYR A 28 -21.74 -23.27 11.58
C TYR A 28 -21.08 -23.96 10.39
N LEU A 29 -19.89 -24.53 10.59
CA LEU A 29 -19.21 -25.28 9.53
C LEU A 29 -20.17 -26.29 8.89
N ARG A 30 -21.04 -26.90 9.70
CA ARG A 30 -22.04 -27.81 9.15
C ARG A 30 -23.09 -27.06 8.33
N THR A 31 -23.34 -25.79 8.65
CA THR A 31 -24.27 -25.01 7.85
C THR A 31 -23.66 -24.67 6.49
N ILE A 32 -22.40 -24.22 6.48
CA ILE A 32 -21.74 -23.97 5.20
C ILE A 32 -21.61 -25.26 4.40
N GLY A 33 -21.42 -26.39 5.08
CA GLY A 33 -21.35 -27.66 4.36
C GLY A 33 -22.69 -28.03 3.73
N LYS A 34 -23.77 -27.96 4.51
CA LYS A 34 -25.10 -28.28 4.01
C LYS A 34 -25.65 -27.20 3.09
N LEU A 35 -24.95 -26.07 2.97
CA LEU A 35 -25.29 -25.04 2.00
C LEU A 35 -24.80 -25.41 0.60
N PHE A 36 -23.60 -25.95 0.53
CA PHE A 36 -22.91 -26.29 -0.71
C PHE A 36 -23.24 -27.70 -1.18
N GLY A 37 -24.22 -28.34 -0.56
CA GLY A 37 -24.68 -29.66 -0.95
C GLY A 37 -23.90 -30.79 -0.35
N LEU A 38 -23.03 -30.51 0.61
CA LEU A 38 -22.34 -31.56 1.35
C LEU A 38 -23.28 -32.14 2.40
N ASN A 39 -22.76 -33.08 3.18
CA ASN A 39 -23.50 -33.70 4.27
C ASN A 39 -22.53 -33.91 5.42
N PRO A 40 -22.22 -32.84 6.17
CA PRO A 40 -21.28 -32.96 7.29
C PRO A 40 -21.81 -33.93 8.34
N PRO A 41 -20.95 -34.43 9.22
CA PRO A 41 -21.39 -35.48 10.15
C PRO A 41 -22.39 -34.99 11.19
N LEU A 42 -22.72 -35.86 12.15
CA LEU A 42 -23.74 -35.54 13.13
C LEU A 42 -23.14 -34.74 14.28
N LEU A 43 -23.89 -33.75 14.75
CA LEU A 43 -23.43 -32.88 15.83
C LEU A 43 -23.41 -33.61 17.17
N GLU A 44 -24.53 -34.26 17.52
CA GLU A 44 -24.68 -34.87 18.84
C GLU A 44 -23.48 -35.72 19.23
N THR A 45 -23.03 -36.59 18.34
CA THR A 45 -21.88 -37.45 18.60
C THR A 45 -20.56 -36.85 18.12
N ALA A 46 -20.57 -35.66 17.55
CA ALA A 46 -19.41 -35.14 16.81
C ALA A 46 -18.13 -35.17 17.63
N LYS A 47 -17.02 -35.48 16.95
CA LYS A 47 -15.70 -35.49 17.56
C LYS A 47 -14.93 -34.35 16.90
N VAL A 48 -14.67 -33.29 17.66
CA VAL A 48 -14.00 -32.12 17.10
C VAL A 48 -12.60 -32.01 17.70
N LEU A 49 -11.70 -31.48 16.89
CA LEU A 49 -10.29 -31.32 17.24
C LEU A 49 -9.86 -29.90 16.95
N ASP A 50 -9.07 -29.33 17.86
CA ASP A 50 -8.59 -27.96 17.70
C ASP A 50 -7.09 -27.94 17.85
N ILE A 51 -6.41 -27.40 16.84
CA ILE A 51 -4.95 -27.31 16.83
C ILE A 51 -4.57 -25.89 17.22
N GLY A 52 -3.67 -25.77 18.19
CA GLY A 52 -3.36 -24.48 18.76
C GLY A 52 -4.51 -23.93 19.59
N CYS A 53 -5.15 -24.80 20.38
CA CYS A 53 -6.28 -24.38 21.19
C CYS A 53 -5.90 -23.27 22.17
N GLY A 54 -4.67 -23.27 22.66
CA GLY A 54 -4.32 -22.33 23.71
C GLY A 54 -5.06 -22.70 24.99
N ILE A 55 -5.64 -21.69 25.63
CA ILE A 55 -6.50 -21.95 26.79
C ILE A 55 -7.59 -22.96 26.42
N GLY A 56 -8.16 -22.84 25.23
CA GLY A 56 -9.14 -23.82 24.78
C GLY A 56 -10.59 -23.42 24.89
N VAL A 57 -10.89 -22.15 25.13
CA VAL A 57 -12.26 -21.72 25.40
C VAL A 57 -13.13 -21.81 24.16
N ASN A 58 -12.54 -22.15 23.02
CA ASN A 58 -13.32 -22.23 21.80
C ASN A 58 -14.13 -23.52 21.73
N LEU A 59 -13.63 -24.61 22.32
CA LEU A 59 -14.33 -25.90 22.27
C LEU A 59 -15.45 -26.00 23.30
N LEU A 60 -15.35 -25.25 24.39
CA LEU A 60 -16.25 -25.41 25.53
C LEU A 60 -17.73 -25.25 25.19
N ASN A 61 -18.17 -24.05 24.81
CA ASN A 61 -19.60 -23.78 24.66
C ASN A 61 -20.28 -24.73 23.69
N PHE A 62 -19.52 -25.39 22.82
CA PHE A 62 -20.03 -26.53 22.08
C PHE A 62 -20.12 -27.75 23.00
N ALA A 63 -18.99 -28.18 23.54
CA ALA A 63 -18.97 -29.38 24.37
C ALA A 63 -19.99 -29.37 25.51
N GLU A 64 -20.37 -28.19 26.00
CA GLU A 64 -21.42 -28.13 27.02
C GLU A 64 -22.81 -28.24 26.42
N THR A 65 -23.01 -27.72 25.21
CA THR A 65 -24.34 -27.70 24.62
C THR A 65 -24.75 -29.04 24.06
N TYR A 66 -23.79 -29.83 23.59
CA TYR A 66 -24.03 -31.16 23.04
C TYR A 66 -23.24 -32.12 23.92
N PRO A 67 -23.81 -32.53 25.07
CA PRO A 67 -23.04 -33.26 26.08
C PRO A 67 -22.43 -34.58 25.59
N LYS A 68 -22.89 -35.14 24.49
CA LYS A 68 -22.35 -36.39 23.98
C LYS A 68 -21.20 -36.20 23.00
N SER A 69 -20.81 -34.95 22.75
CA SER A 69 -19.75 -34.65 21.77
C SER A 69 -18.41 -34.58 22.49
N GLN A 70 -17.55 -35.54 22.24
CA GLN A 70 -16.22 -35.43 22.78
C GLN A 70 -15.44 -34.43 21.93
N SER A 71 -14.24 -34.09 22.37
CA SER A 71 -13.40 -33.16 21.64
C SER A 71 -12.04 -33.05 22.31
N LEU A 72 -11.06 -32.66 21.51
CA LEU A 72 -9.71 -32.52 22.01
C LEU A 72 -9.07 -31.29 21.40
N GLY A 73 -8.59 -30.39 22.25
CA GLY A 73 -7.70 -29.35 21.82
C GLY A 73 -6.28 -29.72 22.18
N VAL A 74 -5.32 -29.10 21.51
CA VAL A 74 -3.91 -29.37 21.73
C VAL A 74 -3.14 -28.08 21.51
N ASP A 75 -2.01 -27.95 22.20
CA ASP A 75 -1.17 -26.77 22.00
C ASP A 75 0.26 -27.12 22.39
N LEU A 76 1.19 -26.27 21.96
CA LEU A 76 2.60 -26.45 22.31
C LEU A 76 2.93 -25.92 23.70
N SER A 77 2.17 -24.95 24.19
CA SER A 77 2.50 -24.32 25.45
C SER A 77 1.92 -25.16 26.59
N LYS A 78 2.79 -25.70 27.43
CA LYS A 78 2.32 -26.44 28.59
C LYS A 78 1.58 -25.53 29.55
N THR A 79 2.01 -24.28 29.65
CA THR A 79 1.37 -23.28 30.49
C THR A 79 -0.11 -23.17 30.14
N GLN A 80 -0.39 -22.68 28.93
CA GLN A 80 -1.77 -22.56 28.44
C GLN A 80 -2.56 -23.85 28.66
N ILE A 81 -2.02 -24.99 28.23
CA ILE A 81 -2.71 -26.27 28.38
C ILE A 81 -3.16 -26.50 29.82
N GLU A 82 -2.25 -26.31 30.77
CA GLU A 82 -2.62 -26.50 32.18
C GLU A 82 -3.71 -25.51 32.59
N LEU A 83 -3.59 -24.26 32.17
CA LEU A 83 -4.59 -23.25 32.52
C LEU A 83 -5.98 -23.64 32.01
N GLY A 84 -6.05 -24.04 30.73
CA GLY A 84 -7.30 -24.55 30.19
C GLY A 84 -7.82 -25.76 30.95
N LYS A 85 -6.93 -26.70 31.26
CA LYS A 85 -7.29 -27.84 32.10
C LYS A 85 -7.91 -27.39 33.42
N LYS A 86 -7.52 -26.22 33.91
CA LYS A 86 -8.16 -25.65 35.10
C LYS A 86 -9.55 -25.09 34.78
N THR A 87 -9.60 -24.11 33.87
CA THR A 87 -10.88 -23.47 33.54
C THR A 87 -11.97 -24.46 33.17
N ILE A 88 -11.61 -25.60 32.57
CA ILE A 88 -12.65 -26.59 32.27
C ILE A 88 -13.17 -27.21 33.57
N SER A 89 -12.28 -27.44 34.53
CA SER A 89 -12.70 -28.02 35.81
C SER A 89 -13.60 -27.05 36.56
N ASP A 90 -13.24 -25.76 36.59
CA ASP A 90 -14.07 -24.81 37.31
C ASP A 90 -15.45 -24.66 36.68
N ALA A 91 -15.59 -25.02 35.40
CA ALA A 91 -16.89 -25.03 34.74
C ALA A 91 -17.57 -26.40 34.78
N LYS A 92 -16.88 -27.43 35.27
CA LYS A 92 -17.42 -28.79 35.38
C LYS A 92 -17.83 -29.34 34.01
N ILE A 93 -16.94 -29.19 33.03
CA ILE A 93 -17.17 -29.70 31.68
C ILE A 93 -16.34 -30.96 31.49
N ASN A 94 -17.03 -32.09 31.31
N ASN A 94 -17.03 -32.10 31.31
CA ASN A 94 -16.41 -33.39 31.14
CA ASN A 94 -16.39 -33.40 31.14
C ASN A 94 -16.20 -33.78 29.69
C ASN A 94 -16.20 -33.78 29.69
N ASN A 95 -16.64 -32.96 28.74
CA ASN A 95 -16.57 -33.32 27.34
C ASN A 95 -15.20 -33.06 26.70
N VAL A 96 -14.56 -31.94 27.01
CA VAL A 96 -13.34 -31.62 26.26
C VAL A 96 -12.14 -32.31 26.88
N GLU A 97 -11.00 -32.27 26.18
CA GLU A 97 -9.72 -32.72 26.71
C GLU A 97 -8.64 -31.89 26.04
N LEU A 98 -7.61 -31.51 26.80
CA LEU A 98 -6.53 -30.68 26.26
C LEU A 98 -5.21 -31.41 26.41
N LYS A 99 -4.35 -31.29 25.39
CA LYS A 99 -3.07 -31.97 25.44
C LYS A 99 -1.95 -31.10 24.88
N ALA A 100 -0.77 -31.24 25.48
CA ALA A 100 0.42 -30.54 25.04
C ALA A 100 1.15 -31.43 24.04
N LEU A 101 1.25 -30.97 22.79
CA LEU A 101 1.88 -31.73 21.74
C LEU A 101 2.40 -30.78 20.66
N SER A 102 3.25 -31.32 19.80
CA SER A 102 3.67 -30.61 18.60
C SER A 102 2.87 -31.18 17.44
N ILE A 103 2.53 -30.32 16.48
CA ILE A 103 1.69 -30.76 15.38
C ILE A 103 2.35 -31.90 14.62
N LEU A 104 3.66 -32.10 14.82
CA LEU A 104 4.37 -33.15 14.11
C LEU A 104 4.18 -34.52 14.76
N ASP A 105 3.67 -34.58 15.99
CA ASP A 105 3.44 -35.84 16.68
C ASP A 105 1.99 -36.31 16.62
N LEU A 106 1.10 -35.52 16.02
CA LEU A 106 -0.34 -35.73 16.00
C LEU A 106 -0.81 -36.95 15.23
N ASP A 107 0.05 -37.73 14.58
CA ASP A 107 -0.48 -38.63 13.56
C ASP A 107 -1.33 -39.74 14.17
N GLU A 108 -2.61 -39.75 13.79
CA GLU A 108 -3.50 -40.90 13.64
C GLU A 108 -3.76 -41.68 14.92
N SER A 109 -3.00 -41.40 15.97
CA SER A 109 -3.15 -42.16 17.21
C SER A 109 -4.30 -41.64 18.04
N TYR A 110 -4.74 -40.42 17.75
CA TYR A 110 -5.86 -39.74 18.39
C TYR A 110 -7.17 -39.90 17.63
N GLY A 111 -7.21 -40.71 16.57
CA GLY A 111 -8.45 -40.98 15.87
C GLY A 111 -8.83 -39.93 14.84
N LYS A 112 -9.94 -40.22 14.15
CA LYS A 112 -10.52 -39.35 13.14
C LYS A 112 -11.59 -38.46 13.74
N PHE A 113 -11.66 -37.22 13.24
CA PHE A 113 -12.57 -36.22 13.78
C PHE A 113 -13.54 -35.72 12.70
N ASP A 114 -14.75 -35.40 13.14
CA ASP A 114 -15.79 -34.89 12.25
C ASP A 114 -15.62 -33.40 11.94
N TYR A 115 -14.94 -32.66 12.81
CA TYR A 115 -14.67 -31.24 12.61
C TYR A 115 -13.29 -30.91 13.14
N ILE A 116 -12.49 -30.24 12.32
CA ILE A 116 -11.19 -29.80 12.78
C ILE A 116 -11.07 -28.29 12.59
N VAL A 117 -10.40 -27.63 13.53
CA VAL A 117 -10.26 -26.18 13.52
C VAL A 117 -8.82 -25.82 13.81
N CYS A 118 -8.22 -25.04 12.91
CA CYS A 118 -6.92 -24.42 13.10
C CYS A 118 -7.11 -22.94 12.80
N HIS A 119 -7.04 -22.12 13.86
CA HIS A 119 -7.36 -20.70 13.79
C HIS A 119 -6.15 -19.86 14.19
N GLY A 120 -5.61 -19.09 13.25
CA GLY A 120 -4.44 -18.26 13.51
C GLY A 120 -3.21 -18.93 14.11
N VAL A 121 -2.78 -20.03 13.51
CA VAL A 121 -1.44 -20.58 13.69
C VAL A 121 -0.68 -20.54 12.37
N TYR A 122 -1.32 -21.01 11.29
CA TYR A 122 -0.67 -21.29 10.02
C TYR A 122 0.23 -20.15 9.56
N SER A 123 -0.11 -18.90 9.88
CA SER A 123 0.71 -17.78 9.45
C SER A 123 1.89 -17.51 10.38
N TRP A 124 1.89 -18.09 11.59
CA TRP A 124 2.89 -17.84 12.63
C TRP A 124 3.99 -18.90 12.71
N VAL A 125 4.00 -19.90 11.83
CA VAL A 125 4.87 -21.04 12.02
C VAL A 125 5.60 -21.39 10.72
N SER A 126 6.68 -22.16 10.86
CA SER A 126 7.56 -22.49 9.75
C SER A 126 6.82 -23.33 8.70
N GLN A 127 7.31 -23.26 7.45
CA GLN A 127 6.73 -24.03 6.36
C GLN A 127 6.59 -25.51 6.71
N GLU A 128 7.57 -26.08 7.42
CA GLU A 128 7.51 -27.49 7.75
C GLU A 128 6.27 -27.82 8.58
N VAL A 129 6.10 -27.11 9.70
CA VAL A 129 4.92 -27.36 10.50
C VAL A 129 3.68 -26.91 9.73
N GLN A 130 3.83 -25.91 8.86
CA GLN A 130 2.77 -25.43 7.98
C GLN A 130 2.12 -26.51 7.13
N ASP A 131 2.84 -27.06 6.13
CA ASP A 131 2.28 -28.16 5.36
C ASP A 131 1.90 -29.33 6.27
N LYS A 132 2.69 -29.55 7.34
CA LYS A 132 2.33 -30.61 8.27
C LYS A 132 0.90 -30.45 8.76
N ILE A 133 0.43 -29.20 8.87
CA ILE A 133 -0.96 -28.95 9.25
C ILE A 133 -1.91 -29.60 8.26
N LEU A 134 -1.78 -29.23 6.97
CA LEU A 134 -2.65 -29.79 5.92
C LEU A 134 -2.67 -31.31 5.91
N GLU A 135 -1.51 -31.96 5.81
CA GLU A 135 -1.54 -33.43 5.77
C GLU A 135 -2.18 -33.99 7.03
N VAL A 136 -1.92 -33.36 8.18
CA VAL A 136 -2.62 -33.75 9.41
C VAL A 136 -4.13 -33.64 9.20
N LEU A 137 -4.57 -32.60 8.49
CA LEU A 137 -5.99 -32.46 8.20
C LEU A 137 -6.47 -33.51 7.21
N ASN A 138 -5.54 -34.18 6.51
CA ASN A 138 -5.92 -35.30 5.66
C ASN A 138 -6.16 -36.57 6.46
N LYS A 139 -5.21 -36.94 7.33
CA LYS A 139 -5.27 -38.29 7.88
C LYS A 139 -6.25 -38.45 9.03
N LEU A 140 -6.56 -37.39 9.78
CA LEU A 140 -7.47 -37.46 10.92
C LEU A 140 -8.89 -37.01 10.60
N LEU A 141 -9.20 -36.70 9.36
CA LEU A 141 -10.51 -36.13 9.05
C LEU A 141 -11.39 -37.22 8.46
N ASN A 142 -12.50 -37.50 9.15
CA ASN A 142 -13.52 -38.42 8.66
C ASN A 142 -13.95 -37.92 7.29
N PRO A 143 -14.26 -38.84 6.36
CA PRO A 143 -14.37 -38.43 4.94
C PRO A 143 -15.29 -37.24 4.68
N ASN A 144 -16.47 -37.25 5.27
CA ASN A 144 -17.42 -36.15 5.15
C ASN A 144 -17.21 -35.02 6.15
N GLY A 145 -16.20 -35.11 7.01
CA GLY A 145 -15.92 -34.05 7.97
C GLY A 145 -15.47 -32.78 7.27
N ILE A 146 -15.15 -31.77 8.07
CA ILE A 146 -14.85 -30.42 7.57
C ILE A 146 -13.65 -29.85 8.31
N ALA A 147 -12.79 -29.16 7.56
CA ALA A 147 -11.59 -28.55 8.10
C ALA A 147 -11.69 -27.03 8.03
N PHE A 148 -11.08 -26.37 9.02
CA PHE A 148 -11.07 -24.91 9.09
C PHE A 148 -9.63 -24.49 9.31
N VAL A 149 -9.14 -23.57 8.48
CA VAL A 149 -7.81 -23.00 8.62
C VAL A 149 -7.91 -21.51 8.36
N SER A 150 -7.28 -20.72 9.24
CA SER A 150 -7.24 -19.28 9.08
C SER A 150 -5.80 -18.81 8.88
N TYR A 151 -5.62 -17.78 8.06
CA TYR A 151 -4.28 -17.29 7.76
C TYR A 151 -4.36 -15.83 7.31
N ASN A 152 -3.20 -15.20 7.28
CA ASN A 152 -3.05 -13.86 6.72
C ASN A 152 -2.72 -14.01 5.24
N THR A 153 -3.22 -13.08 4.43
CA THR A 153 -3.09 -13.21 2.99
C THR A 153 -2.60 -11.92 2.34
N LEU A 154 -2.05 -12.09 1.14
CA LEU A 154 -1.57 -10.98 0.29
C LEU A 154 -2.50 -10.78 -0.91
N PRO A 155 -2.52 -9.55 -1.47
CA PRO A 155 -1.71 -8.44 -0.98
C PRO A 155 -2.36 -7.55 0.08
N GLY A 156 -2.96 -8.13 1.13
CA GLY A 156 -3.46 -7.29 2.21
C GLY A 156 -2.54 -7.32 3.40
N TRP A 157 -1.69 -8.34 3.44
CA TRP A 157 -0.75 -8.51 4.54
C TRP A 157 0.44 -7.56 4.40
N ASN A 158 0.76 -7.15 3.18
CA ASN A 158 1.88 -6.27 2.88
C ASN A 158 1.81 -4.99 3.71
N MET A 159 0.80 -4.15 3.44
CA MET A 159 0.65 -2.90 4.15
C MET A 159 0.73 -3.09 5.65
N GLN A 160 -0.22 -3.83 6.23
CA GLN A 160 -0.22 -4.09 7.66
C GLN A 160 1.15 -4.50 8.17
N ASN A 161 1.87 -5.32 7.40
CA ASN A 161 3.24 -5.68 7.77
C ASN A 161 4.12 -4.44 7.87
N THR A 162 4.22 -3.67 6.78
CA THR A 162 5.01 -2.43 6.79
C THR A 162 4.64 -1.56 7.98
N ILE A 163 3.36 -1.50 8.33
CA ILE A 163 2.94 -0.72 9.49
C ILE A 163 3.53 -1.33 10.76
N ARG A 164 3.68 -2.66 10.81
CA ARG A 164 4.43 -3.24 11.91
C ARG A 164 5.92 -2.94 11.79
N GLU A 165 6.41 -2.67 10.58
CA GLU A 165 7.81 -2.29 10.39
C GLU A 165 8.09 -0.93 11.03
N MET A 166 7.27 0.07 10.72
CA MET A 166 7.45 1.39 11.31
C MET A 166 7.53 1.31 12.82
N MET A 167 6.50 0.71 13.43
CA MET A 167 6.48 0.53 14.89
C MET A 167 7.70 -0.22 15.38
N MET A 168 8.07 -1.32 14.70
CA MET A 168 9.25 -2.07 15.11
C MET A 168 10.54 -1.29 14.93
N PHE A 169 10.50 -0.15 14.22
CA PHE A 169 11.66 0.70 13.97
C PHE A 169 11.73 1.87 14.94
N HIS A 170 10.71 2.74 14.92
CA HIS A 170 10.68 3.98 15.67
C HIS A 170 10.31 3.77 17.12
N SER A 171 10.03 2.53 17.54
CA SER A 171 9.94 2.22 18.96
C SER A 171 11.31 2.20 19.64
N GLU A 172 12.39 2.34 18.89
CA GLU A 172 13.72 2.51 19.46
C GLU A 172 14.03 3.97 19.73
N SER A 173 14.07 4.79 18.68
CA SER A 173 14.41 6.21 18.83
C SER A 173 13.28 6.99 19.48
N PHE A 174 12.14 7.09 18.79
CA PHE A 174 10.96 7.71 19.40
C PHE A 174 10.56 6.94 20.65
N ASN A 175 10.18 7.69 21.69
CA ASN A 175 10.23 7.19 23.06
C ASN A 175 9.20 7.94 23.89
N THR A 176 9.34 7.81 25.21
CA THR A 176 8.46 8.46 26.19
C THR A 176 6.98 8.01 26.15
N SER A 177 6.67 6.79 26.60
CA SER A 177 7.60 5.84 27.24
C SER A 177 6.99 4.45 27.46
N HIS A 178 7.84 3.57 28.00
CA HIS A 178 7.46 2.44 28.87
C HIS A 178 6.25 1.53 28.54
N ASP A 179 6.36 0.69 27.51
CA ASP A 179 7.18 0.96 26.35
C ASP A 179 6.38 0.71 25.08
N LYS A 180 6.13 -0.57 24.78
CA LYS A 180 5.71 -1.00 23.44
C LYS A 180 4.44 -0.33 22.95
N LEU A 181 3.30 -0.69 23.56
CA LEU A 181 2.01 -0.25 23.03
C LEU A 181 1.84 1.26 23.11
N GLN A 182 2.54 1.91 24.02
CA GLN A 182 2.37 3.33 24.25
C GLN A 182 2.97 4.14 23.12
N GLN A 183 4.28 4.09 22.97
CA GLN A 183 4.92 4.73 21.83
C GLN A 183 4.38 4.18 20.50
N ALA A 184 3.90 2.94 20.46
CA ALA A 184 3.19 2.48 19.26
C ALA A 184 1.99 3.37 18.95
N ARG A 185 1.17 3.66 19.96
CA ARG A 185 0.02 4.52 19.73
C ARG A 185 0.44 5.96 19.45
N LEU A 186 1.55 6.41 20.05
CA LEU A 186 2.05 7.74 19.72
C LEU A 186 2.64 7.80 18.31
N LEU A 187 3.04 6.65 17.76
CA LEU A 187 3.42 6.60 16.36
C LEU A 187 2.20 6.69 15.47
N LEU A 188 1.10 6.02 15.84
CA LEU A 188 -0.11 6.13 15.04
C LEU A 188 -0.63 7.57 15.01
N LYS A 189 -0.86 8.16 16.19
CA LYS A 189 -1.31 9.55 16.23
C LYS A 189 -0.29 10.47 15.59
N PHE A 190 0.99 10.11 15.63
CA PHE A 190 1.99 10.88 14.91
C PHE A 190 1.71 10.83 13.41
N ILE A 191 1.59 9.62 12.85
CA ILE A 191 1.29 9.46 11.42
C ILE A 191 0.13 10.36 11.02
N ASN A 192 -1.04 10.13 11.61
CA ASN A 192 -2.19 10.98 11.28
C ASN A 192 -1.86 12.47 11.39
N ASP A 193 -1.04 12.86 12.37
CA ASP A 193 -0.63 14.27 12.45
C ASP A 193 0.23 14.66 11.23
N SER A 194 1.18 13.81 10.85
CA SER A 194 2.06 14.06 9.72
C SER A 194 1.34 14.04 8.39
N LEU A 195 0.10 13.55 8.35
CA LEU A 195 -0.73 13.66 7.15
C LEU A 195 -1.81 14.68 7.44
N GLY A 196 -1.66 15.87 6.84
CA GLY A 196 -2.70 16.87 6.86
C GLY A 196 -3.47 16.85 5.54
N ASN A 197 -4.39 17.81 5.42
CA ASN A 197 -5.06 17.99 4.14
C ASN A 197 -4.08 18.45 3.06
N SER A 198 -2.84 18.77 3.46
CA SER A 198 -1.75 19.03 2.53
C SER A 198 -1.42 17.83 1.64
N THR A 199 -1.84 16.62 2.00
CA THR A 199 -1.54 15.44 1.20
C THR A 199 -2.81 14.63 0.96
N THR A 200 -3.27 14.54 -0.31
CA THR A 200 -4.17 13.42 -0.62
C THR A 200 -3.86 12.69 -1.93
N PRO A 201 -2.61 12.20 -2.22
CA PRO A 201 -2.46 11.30 -3.38
C PRO A 201 -2.84 9.83 -3.21
N TYR A 202 -2.27 9.26 -2.15
CA TYR A 202 -2.25 7.86 -1.75
C TYR A 202 -2.64 7.72 -0.29
N ALA A 203 -1.94 8.47 0.56
CA ALA A 203 -1.92 8.32 2.01
C ALA A 203 -3.28 8.55 2.67
N ASN A 204 -4.32 8.90 1.91
CA ASN A 204 -5.66 8.56 2.37
C ASN A 204 -5.75 7.08 2.72
N PHE A 205 -5.13 6.23 1.88
CA PHE A 205 -5.09 4.79 2.14
C PHE A 205 -4.35 4.46 3.44
N LEU A 206 -3.14 5.02 3.61
CA LEU A 206 -2.34 4.69 4.78
C LEU A 206 -2.88 5.38 6.02
N ARG A 207 -3.50 6.55 5.85
CA ARG A 207 -4.21 7.21 6.95
C ARG A 207 -5.37 6.36 7.45
N ASP A 208 -6.20 5.87 6.53
CA ASP A 208 -7.29 4.98 6.92
C ASP A 208 -6.78 3.70 7.56
N GLU A 209 -5.67 3.15 7.04
CA GLU A 209 -5.18 1.87 7.53
C GLU A 209 -4.49 1.99 8.89
N ALA A 210 -3.71 3.05 9.09
CA ALA A 210 -3.08 3.29 10.39
C ALA A 210 -4.11 3.69 11.43
N LYS A 211 -4.91 4.71 11.12
CA LYS A 211 -6.02 5.11 11.99
C LYS A 211 -6.88 3.92 12.37
N LEU A 212 -7.13 3.01 11.42
CA LEU A 212 -7.86 1.79 11.71
C LEU A 212 -7.23 1.00 12.86
N ILE A 213 -5.93 1.17 13.09
CA ILE A 213 -5.26 0.45 14.16
C ILE A 213 -5.47 1.13 15.50
N SER A 214 -5.90 2.39 15.52
CA SER A 214 -6.25 3.02 16.80
C SER A 214 -7.49 2.37 17.39
N THR A 215 -8.11 1.48 16.64
CA THR A 215 -9.23 0.62 16.99
C THR A 215 -8.66 -0.72 17.43
N TYR A 216 -9.50 -1.76 17.43
CA TYR A 216 -9.20 -3.10 17.91
C TYR A 216 -8.98 -3.16 19.42
N ASP A 217 -7.84 -3.68 19.84
CA ASP A 217 -7.61 -3.90 21.27
C ASP A 217 -6.12 -3.88 21.57
N ASP A 218 -5.76 -3.45 22.79
CA ASP A 218 -4.36 -3.48 23.19
C ASP A 218 -3.80 -4.89 23.11
N SER A 219 -4.64 -5.91 23.31
CA SER A 219 -4.19 -7.29 23.16
C SER A 219 -3.90 -7.59 21.69
N TYR A 220 -4.87 -7.32 20.82
CA TYR A 220 -4.67 -7.48 19.38
C TYR A 220 -3.39 -6.76 18.94
N VAL A 221 -3.37 -5.43 19.07
CA VAL A 221 -2.21 -4.64 18.66
C VAL A 221 -0.91 -5.22 19.20
N LEU A 222 -0.87 -5.55 20.50
CA LEU A 222 0.34 -6.11 21.08
C LEU A 222 0.69 -7.48 20.48
N HIS A 223 -0.31 -8.20 19.99
CA HIS A 223 -0.07 -9.54 19.43
C HIS A 223 0.40 -9.45 17.98
N GLU A 224 -0.47 -8.99 17.08
CA GLU A 224 -0.22 -8.87 15.65
C GLU A 224 0.98 -7.99 15.30
N TYR A 225 0.88 -6.70 15.58
CA TYR A 225 1.83 -5.70 15.10
C TYR A 225 3.07 -5.55 15.98
N LEU A 226 3.19 -6.32 17.06
CA LEU A 226 4.29 -6.20 18.00
C LEU A 226 5.05 -7.50 18.21
N GLY A 227 4.35 -8.55 18.65
CA GLY A 227 4.93 -9.84 18.97
C GLY A 227 5.35 -10.57 17.70
N GLU A 228 5.46 -11.90 17.70
CA GLU A 228 6.47 -12.51 16.85
C GLU A 228 6.11 -12.35 15.37
N ILE A 229 7.02 -12.80 14.52
CA ILE A 229 6.89 -12.56 13.08
C ILE A 229 5.85 -13.49 12.49
N ASN A 230 4.87 -12.92 11.80
CA ASN A 230 3.88 -13.69 11.06
C ASN A 230 4.03 -13.39 9.57
N THR A 231 3.60 -14.34 8.75
CA THR A 231 3.76 -14.24 7.31
C THR A 231 2.45 -14.58 6.61
N GLY A 232 2.12 -13.80 5.58
CA GLY A 232 0.95 -14.05 4.77
C GLY A 232 1.23 -15.01 3.62
N THR A 233 0.16 -15.51 3.02
CA THR A 233 0.28 -16.35 1.83
C THR A 233 -0.69 -15.84 0.77
N TYR A 234 -0.64 -16.46 -0.39
CA TYR A 234 -1.33 -16.02 -1.59
C TYR A 234 -2.68 -16.66 -1.88
N PHE A 235 -3.31 -17.40 -0.95
CA PHE A 235 -4.47 -18.18 -1.36
C PHE A 235 -3.99 -19.25 -2.33
N HIS A 236 -4.10 -19.06 -3.64
CA HIS A 236 -3.87 -20.15 -4.59
C HIS A 236 -2.63 -20.98 -4.27
N GLN A 237 -1.65 -20.40 -3.57
CA GLN A 237 -0.56 -21.21 -3.02
C GLN A 237 -1.03 -22.07 -1.86
N PHE A 238 -2.01 -21.60 -1.09
CA PHE A 238 -2.61 -22.38 -0.01
C PHE A 238 -3.46 -23.51 -0.57
N ILE A 239 -4.53 -23.19 -1.30
CA ILE A 239 -5.33 -24.21 -1.99
C ILE A 239 -4.44 -25.13 -2.80
N GLU A 240 -3.36 -24.58 -3.36
CA GLU A 240 -2.43 -25.40 -4.14
C GLU A 240 -1.56 -26.27 -3.25
N LYS A 241 -1.41 -25.93 -1.96
CA LYS A 241 -0.77 -26.80 -0.99
C LYS A 241 -1.73 -27.80 -0.34
N ALA A 242 -3.04 -27.56 -0.47
CA ALA A 242 -4.12 -28.43 0.00
C ALA A 242 -4.45 -29.51 -1.04
N GLN A 243 -4.76 -29.09 -2.26
CA GLN A 243 -4.94 -30.01 -3.38
C GLN A 243 -3.74 -30.95 -3.53
N LYS A 244 -2.56 -30.50 -3.10
CA LYS A 244 -1.38 -31.37 -3.08
C LYS A 244 -1.40 -32.33 -1.91
N ASN A 245 -2.17 -32.01 -0.86
CA ASN A 245 -2.41 -32.85 0.30
C ASN A 245 -3.70 -33.67 0.22
N HIS A 246 -4.35 -33.73 -0.94
CA HIS A 246 -5.61 -34.44 -1.15
C HIS A 246 -6.75 -33.77 -0.35
N LEU A 247 -6.87 -32.46 -0.53
CA LEU A 247 -7.93 -31.67 0.07
C LEU A 247 -8.51 -30.76 -1.00
N ASN A 248 -9.74 -30.29 -0.76
CA ASN A 248 -10.43 -29.43 -1.70
C ASN A 248 -11.01 -28.24 -0.96
N TYR A 249 -11.33 -27.19 -1.73
CA TYR A 249 -11.76 -25.90 -1.19
C TYR A 249 -13.27 -25.88 -1.12
N LEU A 250 -13.81 -25.89 0.11
CA LEU A 250 -15.26 -25.83 0.25
C LEU A 250 -15.79 -24.41 0.12
N GLY A 251 -15.13 -23.44 0.74
CA GLY A 251 -15.63 -22.08 0.74
C GLY A 251 -14.99 -21.27 1.86
N ASP A 252 -15.70 -20.23 2.26
CA ASP A 252 -15.25 -19.33 3.33
C ASP A 252 -16.37 -19.18 4.34
N THR A 253 -15.98 -19.05 5.61
CA THR A 253 -17.00 -18.89 6.67
C THR A 253 -17.69 -17.55 6.62
N SER A 254 -17.22 -16.61 5.81
CA SER A 254 -17.92 -15.35 5.64
C SER A 254 -18.65 -15.42 4.31
N ILE A 255 -19.97 -15.56 4.38
CA ILE A 255 -20.78 -15.67 3.18
C ILE A 255 -20.71 -14.37 2.37
N ALA A 256 -20.76 -13.23 3.05
CA ALA A 256 -20.73 -11.94 2.37
C ALA A 256 -19.42 -11.70 1.65
N ALA A 257 -18.42 -12.56 1.85
CA ALA A 257 -17.14 -12.49 1.17
C ALA A 257 -17.20 -13.15 -0.22
N MET A 258 -17.52 -14.44 -0.26
CA MET A 258 -17.51 -15.22 -1.50
C MET A 258 -18.41 -14.63 -2.58
N PHE A 259 -19.26 -13.67 -2.25
CA PHE A 259 -20.19 -13.06 -3.18
C PHE A 259 -19.55 -11.89 -3.92
N ILE A 260 -19.78 -11.84 -5.24
CA ILE A 260 -19.28 -10.80 -6.12
C ILE A 260 -20.47 -10.01 -6.65
N GLY A 261 -20.23 -9.07 -7.55
CA GLY A 261 -21.29 -8.25 -8.11
C GLY A 261 -21.28 -6.78 -7.75
N ASN A 262 -20.42 -6.36 -6.82
CA ASN A 262 -20.26 -4.92 -6.61
C ASN A 262 -19.55 -4.27 -7.79
N LEU A 263 -18.82 -5.04 -8.59
CA LEU A 263 -18.21 -4.54 -9.80
C LEU A 263 -19.27 -4.35 -10.90
N PRO A 264 -19.02 -3.47 -11.86
CA PRO A 264 -19.96 -3.30 -12.97
C PRO A 264 -20.22 -4.61 -13.70
N THR A 265 -21.39 -4.71 -14.32
CA THR A 265 -21.78 -5.92 -15.04
C THR A 265 -20.74 -6.33 -16.07
N LYS A 266 -20.18 -5.36 -16.80
CA LYS A 266 -19.17 -5.65 -17.81
C LYS A 266 -18.05 -6.54 -17.25
N ALA A 267 -17.45 -6.11 -16.14
CA ALA A 267 -16.44 -6.91 -15.46
C ALA A 267 -17.02 -8.19 -14.87
N ALA A 268 -18.14 -8.08 -14.15
CA ALA A 268 -18.78 -9.21 -13.50
C ALA A 268 -18.96 -10.40 -14.44
N SER A 269 -19.74 -10.21 -15.50
CA SER A 269 -19.97 -11.27 -16.48
C SER A 269 -18.67 -11.88 -16.98
N LYS A 270 -17.76 -11.04 -17.49
CA LYS A 270 -16.47 -11.51 -17.96
C LYS A 270 -15.71 -12.29 -16.90
N LEU A 271 -16.00 -12.05 -15.63
CA LEU A 271 -15.43 -12.84 -14.54
C LEU A 271 -16.11 -14.19 -14.47
N GLN A 272 -17.41 -14.20 -14.16
CA GLN A 272 -18.14 -15.46 -13.99
C GLN A 272 -17.94 -16.43 -15.15
N ALA A 273 -17.83 -15.91 -16.39
CA ALA A 273 -17.69 -16.77 -17.57
C ALA A 273 -16.57 -17.81 -17.43
N ILE A 274 -15.40 -17.40 -16.91
CA ILE A 274 -14.26 -18.31 -16.81
C ILE A 274 -14.61 -19.57 -16.04
N ASN A 275 -15.49 -19.44 -15.04
CA ASN A 275 -16.03 -20.55 -14.27
C ASN A 275 -14.93 -21.41 -13.67
N ASP A 276 -13.93 -20.76 -13.07
CA ASP A 276 -12.94 -21.42 -12.25
C ASP A 276 -12.88 -20.62 -10.94
N ILE A 277 -13.30 -21.26 -9.85
CA ILE A 277 -13.45 -20.57 -8.56
C ILE A 277 -12.13 -19.93 -8.11
N VAL A 278 -11.04 -20.70 -8.07
CA VAL A 278 -9.79 -20.22 -7.45
C VAL A 278 -9.27 -18.96 -8.13
N CYS A 279 -9.54 -18.77 -9.42
CA CYS A 279 -9.17 -17.52 -10.07
C CYS A 279 -10.11 -16.40 -9.64
N THR A 280 -11.42 -16.69 -9.69
CA THR A 280 -12.46 -15.70 -9.38
C THR A 280 -12.31 -15.14 -7.96
N GLU A 281 -11.84 -15.98 -7.03
CA GLU A 281 -11.55 -15.56 -5.67
C GLU A 281 -10.25 -14.75 -5.61
N GLN A 282 -9.15 -15.37 -6.06
CA GLN A 282 -7.83 -14.74 -6.00
C GLN A 282 -7.86 -13.29 -6.50
N TYR A 283 -8.46 -13.06 -7.66
CA TYR A 283 -8.49 -11.68 -8.14
C TYR A 283 -9.36 -10.80 -7.23
N MET A 284 -10.36 -11.40 -6.57
CA MET A 284 -11.07 -10.69 -5.52
C MET A 284 -10.18 -10.40 -4.33
N ASP A 285 -9.09 -11.17 -4.13
CA ASP A 285 -8.11 -10.78 -3.13
C ASP A 285 -7.30 -9.58 -3.62
N PHE A 286 -7.07 -9.49 -4.93
CA PHE A 286 -6.27 -8.38 -5.43
C PHE A 286 -7.02 -7.06 -5.36
N ILE A 287 -8.26 -7.01 -5.86
CA ILE A 287 -8.90 -5.70 -5.91
C ILE A 287 -9.56 -5.26 -4.61
N THR A 288 -9.82 -6.17 -3.67
CA THR A 288 -10.33 -5.78 -2.36
C THR A 288 -9.25 -5.60 -1.31
N ASN A 289 -8.02 -6.06 -1.56
CA ASN A 289 -6.95 -6.07 -0.56
C ASN A 289 -7.35 -6.87 0.68
N ARG A 290 -7.40 -8.19 0.51
CA ARG A 290 -7.87 -9.06 1.59
C ARG A 290 -6.75 -9.28 2.59
N LYS A 291 -7.00 -8.86 3.85
CA LYS A 291 -5.98 -9.02 4.88
C LYS A 291 -5.87 -10.46 5.36
N PHE A 292 -6.96 -11.04 5.83
CA PHE A 292 -6.95 -12.42 6.32
C PHE A 292 -7.94 -13.28 5.53
N ARG A 293 -7.96 -14.57 5.88
CA ARG A 293 -8.95 -15.51 5.36
C ARG A 293 -9.22 -16.61 6.36
N SER A 294 -10.48 -17.02 6.44
CA SER A 294 -10.89 -18.21 7.18
C SER A 294 -11.53 -19.14 6.17
N THR A 295 -10.86 -20.24 5.85
CA THR A 295 -11.28 -21.13 4.78
C THR A 295 -11.52 -22.53 5.31
N LEU A 296 -12.54 -23.20 4.78
CA LEU A 296 -12.83 -24.58 5.15
C LEU A 296 -12.58 -25.47 3.95
N LEU A 297 -11.96 -26.62 4.22
CA LEU A 297 -11.66 -27.60 3.18
C LEU A 297 -12.32 -28.92 3.52
N CYS A 298 -12.26 -29.86 2.58
CA CYS A 298 -12.83 -31.19 2.79
C CYS A 298 -12.09 -32.20 1.91
N HIS A 299 -12.43 -33.47 2.07
CA HIS A 299 -11.85 -34.50 1.22
C HIS A 299 -12.37 -34.29 -0.21
N GLN A 300 -11.51 -34.52 -1.22
CA GLN A 300 -12.01 -34.12 -2.53
C GLN A 300 -13.24 -34.91 -2.93
N ASN A 301 -13.13 -36.12 -3.49
CA ASN A 301 -13.90 -37.35 -3.22
C ASN A 301 -15.41 -37.13 -3.20
N ILE A 302 -15.79 -35.91 -2.85
CA ILE A 302 -17.16 -35.50 -2.56
C ILE A 302 -17.47 -34.33 -3.50
N PRO A 303 -18.43 -34.43 -4.39
CA PRO A 303 -18.73 -33.28 -5.24
C PRO A 303 -19.41 -32.18 -4.43
N ILE A 304 -19.07 -30.95 -4.78
CA ILE A 304 -19.66 -29.76 -4.18
C ILE A 304 -20.33 -28.99 -5.31
N ASN A 305 -21.45 -28.34 -5.00
CA ASN A 305 -22.19 -27.59 -6.01
C ASN A 305 -22.49 -26.20 -5.49
N ARG A 306 -22.02 -25.19 -6.20
CA ARG A 306 -22.24 -23.81 -5.83
C ARG A 306 -23.53 -23.25 -6.42
N LYS A 307 -24.28 -24.05 -7.17
CA LYS A 307 -25.59 -23.63 -7.59
C LYS A 307 -26.47 -23.56 -6.35
N ILE A 308 -27.05 -22.40 -6.09
CA ILE A 308 -27.90 -22.21 -4.92
C ILE A 308 -29.34 -22.29 -5.41
N GLU A 309 -30.00 -23.38 -5.06
CA GLU A 309 -31.39 -23.61 -5.44
C GLU A 309 -32.26 -23.18 -4.27
N PHE A 310 -33.31 -22.43 -4.57
CA PHE A 310 -34.23 -22.04 -3.51
C PHE A 310 -34.81 -23.27 -2.83
N ASP A 311 -34.87 -24.40 -3.55
CA ASP A 311 -35.37 -25.64 -2.98
C ASP A 311 -34.44 -26.21 -1.91
N ASN A 312 -33.15 -25.89 -1.97
CA ASN A 312 -32.28 -26.30 -0.87
C ASN A 312 -32.16 -25.26 0.22
N LEU A 313 -32.60 -24.02 -0.01
CA LEU A 313 -32.48 -23.00 1.02
C LEU A 313 -33.70 -22.86 1.93
N LYS A 314 -34.85 -23.47 1.60
CA LYS A 314 -35.97 -23.36 2.53
C LYS A 314 -35.83 -24.29 3.72
N ASP A 315 -34.82 -25.16 3.73
CA ASP A 315 -34.57 -26.07 4.84
C ASP A 315 -33.66 -25.42 5.88
N PHE A 316 -33.32 -24.16 5.68
CA PHE A 316 -32.38 -23.42 6.53
C PHE A 316 -33.16 -22.45 7.41
N TYR A 317 -32.96 -22.55 8.72
CA TYR A 317 -33.55 -21.58 9.64
C TYR A 317 -32.90 -20.23 9.42
N THR A 318 -33.70 -19.19 9.22
CA THR A 318 -33.14 -17.89 8.90
C THR A 318 -33.48 -16.87 9.98
N THR A 319 -32.65 -15.84 10.09
CA THR A 319 -32.90 -14.71 10.97
C THR A 319 -32.54 -13.42 10.26
N PHE A 320 -33.52 -12.52 10.19
CA PHE A 320 -33.36 -11.15 9.73
C PHE A 320 -33.61 -10.26 10.95
N ASN A 321 -32.60 -9.52 11.37
CA ASN A 321 -32.65 -8.78 12.64
C ASN A 321 -33.11 -7.37 12.33
N ILE A 322 -34.30 -7.02 12.83
CA ILE A 322 -34.98 -5.80 12.43
C ILE A 322 -35.79 -5.25 13.60
N ARG A 323 -35.92 -3.92 13.63
CA ARG A 323 -36.91 -3.25 14.46
C ARG A 323 -37.69 -2.30 13.56
N PRO A 324 -39.00 -2.17 13.74
CA PRO A 324 -39.77 -1.31 12.84
C PRO A 324 -39.71 0.17 13.20
N ILE A 325 -39.95 1.01 12.20
CA ILE A 325 -40.12 2.42 12.46
C ILE A 325 -41.55 2.71 12.88
N SER A 326 -42.51 1.96 12.33
CA SER A 326 -43.93 2.10 12.61
C SER A 326 -44.41 0.81 13.27
N PRO A 327 -44.99 0.87 14.45
CA PRO A 327 -45.51 -0.37 15.06
C PRO A 327 -46.74 -0.84 14.29
N GLU A 328 -46.90 -2.15 14.24
CA GLU A 328 -47.98 -2.73 13.44
C GLU A 328 -49.35 -2.22 13.86
N ASN A 329 -49.57 -2.09 15.17
CA ASN A 329 -50.86 -1.64 15.68
C ASN A 329 -51.37 -0.40 14.96
N LYS A 330 -50.54 0.63 14.85
CA LYS A 330 -50.94 1.91 14.28
C LYS A 330 -50.83 2.00 12.75
N ILE A 331 -50.43 0.94 12.07
CA ILE A 331 -50.25 0.98 10.62
C ILE A 331 -51.16 -0.04 9.95
N ASP A 332 -51.73 0.34 8.80
CA ASP A 332 -52.44 -0.62 7.97
C ASP A 332 -51.42 -1.48 7.21
N LEU A 333 -51.90 -2.55 6.58
CA LEU A 333 -51.03 -3.42 5.79
C LEU A 333 -51.22 -3.27 4.30
N ASN A 334 -52.43 -3.52 3.80
CA ASN A 334 -52.70 -3.50 2.36
C ASN A 334 -52.63 -2.10 1.76
N ASN A 335 -52.44 -1.05 2.55
CA ASN A 335 -52.30 0.27 1.96
C ASN A 335 -51.07 0.29 1.08
N GLU A 336 -51.25 0.73 -0.17
CA GLU A 336 -50.16 0.74 -1.13
C GLU A 336 -49.56 2.13 -1.29
N GLN A 337 -50.14 3.13 -0.63
CA GLN A 337 -49.60 4.49 -0.61
C GLN A 337 -48.65 4.76 0.55
N GLU A 338 -48.53 3.83 1.50
CA GLU A 338 -47.66 4.03 2.66
C GLU A 338 -46.35 3.32 2.46
N ASN A 339 -45.26 3.98 2.85
CA ASN A 339 -43.90 3.48 2.70
C ASN A 339 -43.28 3.32 4.07
N ILE A 340 -42.85 2.09 4.38
CA ILE A 340 -42.23 1.79 5.65
C ILE A 340 -40.72 1.75 5.47
N SER A 341 -39.99 1.62 6.58
CA SER A 341 -38.54 1.72 6.65
C SER A 341 -37.89 0.52 7.34
N PHE A 342 -38.26 0.25 8.57
CA PHE A 342 -37.69 -0.63 9.60
C PHE A 342 -36.28 -0.17 10.02
N TYR A 343 -35.46 -1.15 10.39
CA TYR A 343 -34.08 -0.98 10.84
C TYR A 343 -33.38 -2.31 10.67
N TYR A 344 -32.05 -2.27 10.59
CA TYR A 344 -31.26 -3.49 10.57
C TYR A 344 -30.31 -3.45 11.76
N GLU A 345 -30.51 -4.37 12.69
CA GLU A 345 -29.56 -4.60 13.80
C GLU A 345 -29.45 -3.29 14.57
N ASN A 346 -28.24 -2.89 14.97
CA ASN A 346 -28.05 -1.74 15.85
C ASN A 346 -27.74 -0.41 15.13
N LEU A 347 -27.42 -0.41 13.83
CA LEU A 347 -27.13 0.86 13.15
C LEU A 347 -28.38 1.73 13.02
N PRO A 348 -28.27 3.08 13.22
CA PRO A 348 -29.43 3.97 13.16
C PRO A 348 -29.76 4.52 11.76
N GLU A 349 -29.76 3.64 10.77
CA GLU A 349 -30.10 3.98 9.40
C GLU A 349 -31.33 3.21 8.96
N PRO A 350 -32.41 3.86 8.54
CA PRO A 350 -33.49 3.14 7.87
C PRO A 350 -32.96 2.31 6.71
N PHE A 351 -33.62 1.18 6.45
CA PHE A 351 -33.08 0.22 5.50
C PHE A 351 -33.88 0.07 4.22
N ILE A 352 -35.00 -0.62 4.29
CA ILE A 352 -35.74 -1.02 3.11
C ILE A 352 -37.09 -0.31 3.11
N SER A 353 -37.74 -0.31 1.95
CA SER A 353 -39.01 0.38 1.83
C SER A 353 -39.93 -0.39 0.90
N THR A 354 -41.23 -0.17 1.12
CA THR A 354 -42.34 -0.72 0.34
C THR A 354 -43.52 0.05 0.93
N THR A 355 -44.65 0.28 0.22
CA THR A 355 -45.25 -0.32 -0.99
C THR A 355 -45.67 -1.79 -0.75
N SER A 356 -45.19 -2.79 -1.49
CA SER A 356 -45.91 -4.06 -1.61
C SER A 356 -46.23 -4.67 -0.25
N ALA A 357 -47.52 -4.92 -0.03
CA ALA A 357 -48.00 -5.33 1.28
C ALA A 357 -47.63 -6.76 1.61
N ILE A 358 -47.18 -7.52 0.62
CA ILE A 358 -46.66 -8.85 0.92
C ILE A 358 -45.30 -8.70 1.58
N MET A 359 -44.60 -7.60 1.27
CA MET A 359 -43.30 -7.33 1.89
C MET A 359 -43.48 -6.86 3.32
N LYS A 360 -44.41 -5.93 3.57
CA LYS A 360 -44.75 -5.57 4.95
C LYS A 360 -45.13 -6.82 5.74
N ALA A 361 -46.05 -7.62 5.18
CA ALA A 361 -46.51 -8.84 5.85
C ALA A 361 -45.35 -9.76 6.21
N ILE A 362 -44.37 -9.91 5.32
CA ILE A 362 -43.26 -10.81 5.60
C ILE A 362 -42.32 -10.19 6.62
N LEU A 363 -41.72 -9.05 6.26
CA LEU A 363 -40.75 -8.37 7.12
C LEU A 363 -41.25 -8.25 8.56
N TYR A 364 -42.52 -7.87 8.74
CA TYR A 364 -43.07 -7.79 10.09
C TYR A 364 -42.98 -9.12 10.85
N VAL A 365 -43.07 -10.26 10.16
CA VAL A 365 -42.85 -11.52 10.86
C VAL A 365 -41.36 -11.80 11.01
N TYR A 366 -40.51 -11.18 10.20
CA TYR A 366 -39.07 -11.30 10.40
C TYR A 366 -38.57 -10.43 11.54
N ALA A 367 -39.33 -9.39 11.91
CA ALA A 367 -38.98 -8.52 13.03
C ALA A 367 -39.39 -9.14 14.35
N GLU A 368 -40.57 -9.76 14.38
CA GLU A 368 -41.09 -10.42 15.57
C GLU A 368 -40.16 -11.54 16.04
N ASN A 369 -39.54 -12.23 15.09
CA ASN A 369 -38.68 -13.38 15.30
C ASN A 369 -37.19 -13.02 15.39
N ILE A 370 -36.87 -11.73 15.53
CA ILE A 370 -35.47 -11.32 15.56
C ILE A 370 -34.69 -12.20 16.53
N SER A 371 -33.56 -12.72 16.04
CA SER A 371 -32.70 -13.63 16.81
C SER A 371 -33.47 -14.86 17.28
N ASN A 372 -34.46 -15.29 16.50
CA ASN A 372 -35.13 -16.57 16.70
C ASN A 372 -35.25 -17.22 15.34
N PRO A 373 -34.25 -17.98 14.92
CA PRO A 373 -34.26 -18.57 13.57
C PRO A 373 -35.50 -19.40 13.30
N ILE A 374 -35.98 -19.30 12.05
CA ILE A 374 -37.17 -20.04 11.60
C ILE A 374 -36.98 -20.37 10.13
N ARG A 375 -37.47 -21.54 9.73
CA ARG A 375 -37.37 -21.97 8.33
C ARG A 375 -38.07 -20.98 7.42
N LEU A 376 -37.57 -20.87 6.17
CA LEU A 376 -38.11 -19.88 5.25
C LEU A 376 -39.57 -20.16 4.94
N GLU A 377 -39.93 -21.43 4.77
CA GLU A 377 -41.33 -21.80 4.63
C GLU A 377 -42.15 -21.24 5.77
N GLN A 378 -41.72 -21.49 7.02
CA GLN A 378 -42.44 -20.98 8.18
C GLN A 378 -42.56 -19.46 8.15
N VAL A 379 -41.61 -18.77 7.52
CA VAL A 379 -41.75 -17.34 7.31
C VAL A 379 -42.91 -17.07 6.35
N ALA A 380 -43.03 -17.90 5.31
CA ALA A 380 -44.15 -17.73 4.38
C ALA A 380 -45.49 -18.02 5.04
N LYS A 381 -45.55 -19.08 5.85
CA LYS A 381 -46.76 -19.42 6.59
C LYS A 381 -47.15 -18.32 7.57
N GLU A 382 -46.24 -17.93 8.45
CA GLU A 382 -46.55 -16.90 9.44
C GLU A 382 -46.92 -15.58 8.76
N ALA A 383 -46.22 -15.24 7.68
CA ALA A 383 -46.60 -14.08 6.88
C ALA A 383 -47.96 -14.24 6.23
N PHE A 384 -48.37 -15.49 5.99
CA PHE A 384 -49.70 -15.73 5.43
C PHE A 384 -50.78 -15.51 6.49
N LYS A 385 -50.63 -16.15 7.65
CA LYS A 385 -51.57 -15.91 8.74
C LYS A 385 -51.60 -14.44 9.13
N LYS A 386 -50.48 -13.73 8.94
CA LYS A 386 -50.43 -12.31 9.31
C LYS A 386 -51.50 -11.51 8.58
N LEU A 387 -51.59 -11.67 7.25
CA LEU A 387 -52.70 -11.17 6.44
C LEU A 387 -53.14 -12.29 5.50
N GLY A 388 -54.34 -12.82 5.66
CA GLY A 388 -54.89 -13.63 4.61
C GLY A 388 -55.25 -12.72 3.45
N LYS A 389 -54.58 -12.88 2.30
CA LYS A 389 -54.98 -12.18 1.10
C LYS A 389 -54.89 -13.09 -0.10
N TYR A 390 -53.65 -13.42 -0.43
CA TYR A 390 -53.21 -14.14 -1.61
C TYR A 390 -52.92 -15.59 -1.24
N ARG A 391 -52.36 -16.33 -2.20
CA ARG A 391 -51.98 -17.70 -1.92
C ARG A 391 -50.72 -17.73 -1.07
N LEU A 392 -50.30 -18.93 -0.67
CA LEU A 392 -49.06 -19.10 0.06
C LEU A 392 -47.85 -19.11 -0.87
N GLN A 393 -47.98 -19.74 -2.04
CA GLN A 393 -46.87 -19.85 -2.97
C GLN A 393 -46.33 -18.49 -3.40
N ASP A 394 -47.12 -17.42 -3.25
CA ASP A 394 -46.60 -16.08 -3.50
C ASP A 394 -45.74 -15.60 -2.35
N PHE A 395 -46.12 -15.92 -1.11
CA PHE A 395 -45.25 -15.61 0.02
C PHE A 395 -43.93 -16.35 -0.12
N LEU A 396 -43.98 -17.59 -0.60
CA LEU A 396 -42.74 -18.28 -0.94
C LEU A 396 -42.06 -17.62 -2.14
N ALA A 397 -42.85 -16.97 -3.00
CA ALA A 397 -42.30 -16.31 -4.18
C ALA A 397 -41.51 -15.07 -3.80
N THR A 398 -42.15 -14.08 -3.17
CA THR A 398 -41.44 -12.86 -2.77
C THR A 398 -40.18 -13.18 -1.98
N LEU A 399 -40.18 -14.31 -1.27
CA LEU A 399 -38.94 -14.78 -0.68
C LEU A 399 -37.97 -15.24 -1.75
N GLU A 400 -38.48 -15.90 -2.80
CA GLU A 400 -37.60 -16.37 -3.87
C GLU A 400 -36.98 -15.20 -4.64
N GLN A 401 -37.80 -14.23 -5.09
CA GLN A 401 -37.29 -13.15 -5.94
C GLN A 401 -36.14 -12.37 -5.32
N HIS A 402 -36.41 -11.52 -4.32
CA HIS A 402 -35.32 -10.90 -3.59
C HIS A 402 -35.41 -11.30 -2.12
N PHE A 403 -34.66 -12.34 -1.74
CA PHE A 403 -34.23 -12.56 -0.37
C PHE A 403 -32.82 -13.13 -0.40
N ILE A 404 -32.67 -14.27 -1.07
CA ILE A 404 -31.43 -15.06 -1.14
C ILE A 404 -30.25 -14.15 -1.38
N THR A 405 -30.42 -13.17 -2.26
CA THR A 405 -29.40 -12.14 -2.43
C THR A 405 -29.02 -11.53 -1.08
N LEU A 406 -30.01 -11.24 -0.23
CA LEU A 406 -29.72 -10.69 1.09
C LEU A 406 -29.01 -11.69 1.99
N ILE A 407 -29.25 -12.99 1.80
CA ILE A 407 -28.56 -13.97 2.62
C ILE A 407 -27.12 -14.17 2.15
N PHE A 408 -26.81 -13.79 0.91
CA PHE A 408 -25.43 -13.80 0.44
C PHE A 408 -24.72 -12.48 0.66
N GLN A 409 -25.44 -11.45 1.09
CA GLN A 409 -24.84 -10.18 1.47
C GLN A 409 -24.60 -10.08 2.97
N GLY A 410 -24.91 -11.14 3.72
CA GLY A 410 -24.72 -11.19 5.15
C GLY A 410 -25.85 -10.58 5.97
N TYR A 411 -26.86 -10.00 5.32
CA TYR A 411 -27.98 -9.37 6.00
C TYR A 411 -29.03 -10.38 6.48
N LEU A 412 -28.99 -11.61 5.97
CA LEU A 412 -29.86 -12.70 6.42
C LEU A 412 -28.96 -13.84 6.88
N LYS A 413 -29.17 -14.32 8.10
CA LYS A 413 -28.34 -15.38 8.63
C LYS A 413 -29.07 -16.72 8.49
N ILE A 414 -28.30 -17.76 8.18
CA ILE A 414 -28.83 -19.09 7.92
C ILE A 414 -28.24 -20.08 8.92
N PHE A 415 -29.02 -21.09 9.25
CA PHE A 415 -28.62 -22.10 10.22
C PHE A 415 -29.22 -23.45 9.82
N GLU A 416 -28.53 -24.50 10.23
CA GLU A 416 -29.09 -25.83 10.22
C GLU A 416 -29.12 -26.32 11.66
N THR A 417 -30.22 -26.95 12.08
CA THR A 417 -30.43 -27.23 13.51
C THR A 417 -30.42 -25.93 14.28
N LYS A 418 -31.55 -25.18 14.26
CA LYS A 418 -31.61 -23.89 14.94
C LYS A 418 -31.05 -24.00 16.36
N PRO A 419 -30.36 -22.98 16.85
CA PRO A 419 -29.49 -23.19 18.01
C PRO A 419 -30.29 -23.32 19.30
N HIS A 420 -29.55 -23.63 20.37
CA HIS A 420 -30.14 -23.84 21.68
C HIS A 420 -30.07 -22.51 22.39
N ALA A 421 -31.21 -21.86 22.53
CA ALA A 421 -31.35 -20.52 23.09
C ALA A 421 -32.83 -20.21 23.05
N ILE A 422 -33.20 -19.12 23.71
CA ILE A 422 -34.61 -18.73 23.75
C ILE A 422 -34.72 -17.26 23.39
N ALA A 423 -35.80 -16.91 22.70
CA ALA A 423 -36.12 -15.54 22.33
C ALA A 423 -37.10 -14.89 23.30
N THR A 424 -37.48 -15.56 24.39
CA THR A 424 -38.43 -15.02 25.35
C THR A 424 -37.83 -15.00 26.75
N ILE A 425 -38.39 -14.13 27.58
CA ILE A 425 -37.96 -14.00 28.97
C ILE A 425 -38.88 -14.87 29.82
N THR A 426 -38.29 -15.84 30.52
CA THR A 426 -39.00 -16.92 31.20
C THR A 426 -39.53 -16.56 32.58
N GLU A 427 -39.42 -15.31 33.00
CA GLU A 427 -39.88 -14.85 34.31
C GLU A 427 -38.94 -15.34 35.40
N LYS A 428 -38.06 -16.28 35.06
CA LYS A 428 -36.94 -16.67 35.91
C LYS A 428 -35.75 -16.95 35.01
N PRO A 429 -35.18 -15.90 34.38
CA PRO A 429 -34.19 -16.11 33.32
C PRO A 429 -33.02 -16.98 33.72
N LYS A 430 -32.42 -17.63 32.74
CA LYS A 430 -31.33 -18.56 32.94
C LYS A 430 -30.42 -18.52 31.73
N THR A 431 -29.13 -18.70 31.95
CA THR A 431 -28.17 -18.71 30.86
C THR A 431 -27.38 -20.01 30.93
N SER A 432 -26.40 -20.15 30.04
CA SER A 432 -25.59 -21.35 30.06
C SER A 432 -24.67 -21.32 31.26
N GLN A 433 -24.43 -22.50 31.85
CA GLN A 433 -23.50 -22.57 32.97
C GLN A 433 -22.11 -22.12 32.55
N PHE A 434 -21.85 -22.00 31.25
CA PHE A 434 -20.65 -21.38 30.72
C PHE A 434 -20.71 -19.86 30.82
N ALA A 435 -21.68 -19.25 30.13
CA ALA A 435 -21.82 -17.79 30.17
C ALA A 435 -21.93 -17.25 31.59
N ARG A 436 -22.50 -18.04 32.51
CA ARG A 436 -22.57 -17.64 33.91
C ARG A 436 -21.24 -17.82 34.63
N TYR A 437 -20.31 -18.57 34.02
CA TYR A 437 -18.95 -18.76 34.48
C TYR A 437 -18.06 -17.62 34.00
N GLN A 438 -18.02 -17.39 32.69
CA GLN A 438 -17.21 -16.33 32.10
C GLN A 438 -17.35 -15.00 32.83
N ALA A 439 -18.56 -14.67 33.29
CA ALA A 439 -18.75 -13.37 33.93
C ALA A 439 -18.05 -13.26 35.27
N LYS A 440 -17.45 -14.34 35.78
CA LYS A 440 -16.67 -14.26 37.01
C LYS A 440 -15.24 -13.79 36.77
N HIS A 441 -14.75 -13.94 35.55
CA HIS A 441 -13.37 -13.64 35.17
C HIS A 441 -13.33 -12.54 34.11
N ALA A 442 -12.13 -12.34 33.56
CA ALA A 442 -11.84 -11.40 32.48
C ALA A 442 -12.49 -11.99 31.19
N HIS A 443 -12.41 -11.37 30.00
CA HIS A 443 -11.59 -10.22 29.64
C HIS A 443 -12.27 -8.87 29.76
N PHE A 444 -11.74 -8.09 30.70
CA PHE A 444 -12.21 -6.75 31.06
C PHE A 444 -11.86 -5.78 29.90
N ASN A 445 -12.20 -4.49 29.93
CA ASN A 445 -12.84 -3.75 31.03
C ASN A 445 -13.83 -2.71 30.53
N ASN A 446 -14.66 -2.20 31.44
CA ASN A 446 -15.56 -1.09 31.16
C ASN A 446 -14.89 0.25 31.50
N THR A 448 -10.57 -0.17 27.41
CA THR A 448 -11.53 -0.77 26.48
C THR A 448 -12.96 -0.33 26.82
N ASN A 449 -13.93 -1.22 26.60
CA ASN A 449 -15.35 -0.87 26.57
C ASN A 449 -16.16 -1.62 27.61
N MET A 450 -16.23 -2.94 27.53
CA MET A 450 -17.05 -3.73 28.45
C MET A 450 -16.48 -5.15 28.53
N PHE A 451 -17.18 -6.03 29.24
CA PHE A 451 -16.77 -7.42 29.32
C PHE A 451 -17.21 -8.18 28.08
N SER A 452 -16.51 -9.27 27.79
CA SER A 452 -16.83 -10.15 26.67
C SER A 452 -17.40 -11.45 27.19
N ILE A 453 -18.55 -11.85 26.66
CA ILE A 453 -19.27 -13.05 27.09
C ILE A 453 -19.66 -13.86 25.86
N THR A 454 -19.64 -15.19 26.02
CA THR A 454 -19.93 -16.09 24.90
C THR A 454 -21.38 -16.53 24.92
N ASN A 455 -22.11 -16.20 23.86
CA ASN A 455 -23.48 -16.66 23.74
C ASN A 455 -23.48 -18.10 23.21
N ARG A 456 -24.65 -18.60 22.85
CA ARG A 456 -24.80 -19.96 22.38
C ARG A 456 -24.32 -20.15 20.94
N LEU A 457 -24.08 -19.07 20.21
CA LEU A 457 -23.59 -19.12 18.83
C LEU A 457 -22.08 -19.01 18.72
N ASN A 458 -21.38 -18.97 19.84
CA ASN A 458 -19.94 -18.75 19.97
C ASN A 458 -19.57 -17.29 19.76
N ASP A 459 -20.52 -16.44 19.41
CA ASP A 459 -20.21 -15.03 19.27
C ASP A 459 -20.00 -14.42 20.65
N MET A 460 -19.24 -13.34 20.69
CA MET A 460 -18.93 -12.67 21.94
C MET A 460 -19.63 -11.32 22.00
N ILE A 461 -20.42 -11.13 23.04
CA ILE A 461 -21.18 -9.92 23.25
C ILE A 461 -20.45 -9.13 24.32
N GLY A 462 -20.26 -7.84 24.07
CA GLY A 462 -19.83 -6.98 25.14
C GLY A 462 -21.02 -6.74 26.04
N ILE A 463 -20.74 -6.59 27.33
CA ILE A 463 -21.79 -6.31 28.29
C ILE A 463 -21.17 -5.37 29.30
N PRO A 464 -21.89 -4.37 29.73
CA PRO A 464 -21.37 -3.45 30.74
C PRO A 464 -21.22 -4.16 32.06
N ILE A 465 -20.77 -3.44 33.09
CA ILE A 465 -20.53 -4.08 34.37
C ILE A 465 -21.86 -4.51 35.01
N HIS A 466 -22.86 -3.62 35.01
CA HIS A 466 -24.15 -3.96 35.60
C HIS A 466 -24.83 -5.13 34.89
N GLU A 467 -24.72 -5.19 33.56
CA GLU A 467 -25.26 -6.34 32.86
C GLU A 467 -24.48 -7.61 33.19
N LYS A 468 -23.19 -7.47 33.48
CA LYS A 468 -22.41 -8.60 33.98
C LYS A 468 -22.87 -8.99 35.38
N TYR A 469 -23.43 -8.05 36.13
CA TYR A 469 -23.97 -8.36 37.45
C TYR A 469 -25.32 -9.06 37.35
N ILE A 470 -26.13 -8.73 36.33
CA ILE A 470 -27.39 -9.44 36.12
C ILE A 470 -27.15 -10.81 35.52
N LEU A 471 -26.19 -10.91 34.60
CA LEU A 471 -26.01 -12.13 33.81
C LEU A 471 -25.51 -13.27 34.67
N GLU A 472 -24.63 -12.99 35.62
CA GLU A 472 -24.17 -14.00 36.56
C GLU A 472 -25.25 -14.38 37.56
N MET A 473 -26.31 -13.58 37.68
CA MET A 473 -27.36 -13.80 38.66
C MET A 473 -28.56 -14.57 38.10
N LEU A 474 -28.55 -14.95 36.83
CA LEU A 474 -29.66 -15.73 36.30
C LEU A 474 -29.20 -17.18 36.28
N ASP A 475 -29.59 -17.95 37.29
CA ASP A 475 -29.52 -19.41 37.26
C ASP A 475 -30.89 -20.04 37.05
N GLY A 476 -31.93 -19.22 36.90
CA GLY A 476 -33.29 -19.68 36.96
C GLY A 476 -33.88 -19.62 38.36
N THR A 477 -33.07 -19.30 39.37
CA THR A 477 -33.57 -19.20 40.74
C THR A 477 -34.25 -17.86 41.02
N HIS A 478 -33.82 -16.78 40.37
CA HIS A 478 -34.28 -15.43 40.70
C HIS A 478 -35.31 -14.93 39.69
N ASN A 479 -36.37 -14.33 40.19
CA ASN A 479 -37.36 -13.68 39.33
C ASN A 479 -36.84 -12.29 38.96
N ILE A 480 -37.60 -11.60 38.11
CA ILE A 480 -37.22 -10.27 37.64
C ILE A 480 -37.08 -9.30 38.81
N ASP A 481 -38.00 -9.38 39.79
CA ASP A 481 -37.93 -8.51 40.95
C ASP A 481 -36.71 -8.81 41.81
N ASP A 482 -36.39 -10.10 41.99
CA ASP A 482 -35.14 -10.43 42.66
C ASP A 482 -33.94 -9.78 41.99
N ILE A 483 -34.02 -9.59 40.67
CA ILE A 483 -32.96 -8.88 39.94
C ILE A 483 -32.94 -7.41 40.32
N LYS A 484 -34.09 -6.74 40.14
CA LYS A 484 -34.17 -5.31 40.43
C LYS A 484 -33.70 -4.98 41.84
N LYS A 485 -34.05 -5.83 42.81
CA LYS A 485 -33.61 -5.61 44.18
C LYS A 485 -32.09 -5.68 44.30
N SER A 486 -31.48 -6.74 43.77
CA SER A 486 -30.04 -6.90 43.93
C SER A 486 -29.28 -5.79 43.20
N ILE A 487 -29.86 -5.24 42.14
CA ILE A 487 -29.19 -4.13 41.46
C ILE A 487 -29.35 -2.85 42.26
N ILE A 488 -30.51 -2.65 42.88
CA ILE A 488 -30.68 -1.50 43.77
C ILE A 488 -29.67 -1.57 44.90
N GLU A 489 -29.50 -2.76 45.49
CA GLU A 489 -28.49 -2.97 46.52
C GLU A 489 -27.12 -2.56 46.02
N LYS A 490 -26.64 -3.20 44.96
CA LYS A 490 -25.30 -2.90 44.45
C LYS A 490 -25.08 -1.41 44.23
N ILE A 491 -26.13 -0.65 43.93
CA ILE A 491 -25.98 0.80 43.79
C ILE A 491 -25.93 1.49 45.15
N ASN A 492 -26.99 1.34 45.94
CA ASN A 492 -27.20 1.94 47.26
C ASN A 492 -26.17 1.50 48.29
N SER A 493 -25.50 0.39 48.00
CA SER A 493 -24.36 -0.24 48.68
C SER A 493 -23.02 0.23 48.08
N LYS A 494 -21.98 -0.57 48.28
CA LYS A 494 -20.57 -0.29 47.97
C LYS A 494 -20.36 0.13 46.52
N LEU A 495 -21.43 0.09 45.74
CA LEU A 495 -21.54 0.83 44.47
C LEU A 495 -20.61 0.37 43.35
N LEU A 496 -19.81 1.29 42.81
CA LEU A 496 -19.27 1.18 41.45
C LEU A 496 -20.40 1.09 40.43
N THR A 497 -21.06 2.25 40.26
CA THR A 497 -22.29 2.39 39.51
C THR A 497 -22.02 2.87 38.08
N ALA A 498 -23.08 2.98 37.30
CA ALA A 498 -23.08 3.44 35.92
C ALA A 498 -24.54 3.55 35.46
N CYS A 499 -24.75 4.28 34.37
CA CYS A 499 -26.11 4.62 33.96
C CYS A 499 -26.20 4.63 32.43
N ASP A 500 -27.41 4.91 31.93
CA ASP A 500 -27.66 5.02 30.50
C ASP A 500 -28.56 6.22 30.24
N ASN A 501 -28.07 7.14 29.42
CA ASN A 501 -28.80 8.32 28.94
C ASN A 501 -29.44 9.16 30.04
N LYS A 502 -30.62 9.69 29.74
CA LYS A 502 -31.32 10.72 30.53
C LYS A 502 -30.30 11.81 30.85
N GLY A 503 -30.35 12.41 32.04
CA GLY A 503 -29.17 12.57 32.87
C GLY A 503 -29.61 12.41 34.33
N GLN A 504 -29.17 11.36 35.01
CA GLN A 504 -29.14 11.44 36.48
C GLN A 504 -27.87 10.87 37.08
N VAL A 505 -27.75 9.53 37.02
CA VAL A 505 -26.76 8.68 37.66
C VAL A 505 -26.93 8.56 39.18
N VAL A 506 -27.88 9.28 39.80
CA VAL A 506 -27.79 9.61 41.22
C VAL A 506 -29.07 9.34 42.01
N THR A 507 -29.09 9.84 43.26
CA THR A 507 -29.40 9.08 44.46
C THR A 507 -30.88 8.77 44.73
N ASP A 508 -31.83 9.51 44.17
CA ASP A 508 -33.19 9.48 44.73
C ASP A 508 -33.76 8.06 44.74
N PRO A 509 -34.48 7.65 45.81
CA PRO A 509 -34.99 6.27 45.84
C PRO A 509 -36.13 6.00 44.87
N LYS A 510 -37.10 6.92 44.76
CA LYS A 510 -38.28 6.66 43.92
C LYS A 510 -37.90 6.74 42.45
N LEU A 511 -36.91 7.57 42.14
CA LEU A 511 -36.38 7.64 40.78
C LEU A 511 -35.59 6.38 40.49
N LEU A 512 -34.53 6.14 41.26
CA LEU A 512 -33.67 4.97 41.05
C LEU A 512 -34.43 3.65 41.04
N LYS A 513 -35.66 3.60 41.58
CA LYS A 513 -36.45 2.39 41.43
C LYS A 513 -36.87 2.23 39.98
N GLU A 514 -37.71 3.15 39.47
CA GLU A 514 -38.14 3.06 38.09
C GLU A 514 -36.96 3.07 37.11
N PHE A 515 -35.85 3.69 37.50
CA PHE A 515 -34.64 3.65 36.68
C PHE A 515 -34.05 2.24 36.62
N VAL A 516 -33.99 1.55 37.76
CA VAL A 516 -33.47 0.18 37.75
C VAL A 516 -34.44 -0.77 37.08
N ASP A 517 -35.73 -0.39 37.03
CA ASP A 517 -36.70 -1.21 36.30
C ASP A 517 -36.39 -1.15 34.82
N TYR A 518 -36.25 0.06 34.30
CA TYR A 518 -35.90 0.26 32.90
C TYR A 518 -34.57 -0.43 32.55
N VAL A 519 -33.51 -0.13 33.30
CA VAL A 519 -32.20 -0.68 32.93
C VAL A 519 -32.19 -2.20 33.01
N VAL A 520 -32.98 -2.79 33.90
CA VAL A 520 -32.95 -4.24 33.96
C VAL A 520 -33.80 -4.84 32.84
N ALA A 521 -34.87 -4.15 32.43
CA ALA A 521 -35.67 -4.66 31.32
C ALA A 521 -34.91 -4.56 30.00
N VAL A 522 -34.20 -3.45 29.78
CA VAL A 522 -33.35 -3.32 28.60
C VAL A 522 -32.27 -4.39 28.61
N SER A 523 -31.64 -4.59 29.77
CA SER A 523 -30.59 -5.60 29.88
C SER A 523 -31.15 -6.99 29.58
N LEU A 524 -32.41 -7.25 29.96
CA LEU A 524 -32.99 -8.56 29.68
C LEU A 524 -33.32 -8.72 28.20
N GLU A 525 -33.71 -7.62 27.54
CA GLU A 525 -33.95 -7.69 26.10
C GLU A 525 -32.67 -7.96 25.33
N LYS A 526 -31.59 -7.23 25.68
CA LYS A 526 -30.31 -7.48 25.05
C LYS A 526 -29.90 -8.94 25.16
N PHE A 527 -30.07 -9.55 26.34
CA PHE A 527 -29.76 -10.98 26.48
C PHE A 527 -30.72 -11.82 25.67
N ARG A 528 -31.95 -11.35 25.50
CA ARG A 528 -32.96 -12.02 24.70
C ARG A 528 -32.49 -12.20 23.26
N ILE A 529 -32.31 -11.09 22.55
CA ILE A 529 -31.96 -11.15 21.13
C ILE A 529 -30.52 -11.55 20.88
N ASN A 530 -29.71 -11.70 21.91
CA ASN A 530 -28.31 -12.07 21.73
C ASN A 530 -28.02 -13.56 21.94
N TYR A 531 -29.04 -14.39 22.13
CA TYR A 531 -28.86 -15.83 22.35
C TYR A 531 -28.17 -16.11 23.68
N LEU A 532 -28.39 -15.27 24.67
CA LEU A 532 -27.87 -15.50 26.01
C LEU A 532 -28.89 -16.13 26.94
N LEU A 533 -30.09 -16.44 26.44
CA LEU A 533 -31.13 -17.04 27.26
C LEU A 533 -31.33 -18.48 26.79
N VAL A 534 -30.86 -19.42 27.61
CA VAL A 534 -31.06 -20.84 27.36
C VAL A 534 -32.33 -21.32 28.02
N GLY A 535 -32.98 -20.44 28.77
CA GLY A 535 -34.21 -20.70 29.48
C GLY A 535 -34.36 -19.59 30.50
N PRO B 15 17.93 -3.39 -29.95
CA PRO B 15 18.85 -4.32 -29.30
C PRO B 15 19.10 -3.98 -27.85
N TYR B 16 19.89 -2.94 -27.59
CA TYR B 16 20.07 -2.50 -26.22
C TYR B 16 19.89 -0.99 -26.17
N PRO B 17 19.28 -0.48 -25.12
CA PRO B 17 19.14 0.98 -24.99
C PRO B 17 20.49 1.61 -24.69
N PRO B 18 20.89 2.65 -25.43
CA PRO B 18 21.93 3.54 -24.91
C PRO B 18 21.32 4.50 -23.89
N PHE B 19 21.93 4.60 -22.72
CA PHE B 19 21.38 5.44 -21.68
C PHE B 19 22.46 6.23 -20.96
N THR B 20 22.09 7.45 -20.57
CA THR B 20 22.94 8.38 -19.84
C THR B 20 22.03 9.19 -18.93
N PHE B 21 22.53 9.50 -17.74
CA PHE B 21 21.72 10.22 -16.76
C PHE B 21 22.51 11.38 -16.19
N SER B 22 21.85 12.53 -16.06
CA SER B 22 22.51 13.68 -15.44
C SER B 22 22.99 13.37 -14.02
N TYR B 23 22.23 12.56 -13.27
CA TYR B 23 22.55 12.34 -11.87
C TYR B 23 23.69 11.34 -11.65
N THR B 24 24.19 10.68 -12.69
CA THR B 24 25.37 9.82 -12.56
C THR B 24 26.66 10.52 -12.98
N TYR B 25 26.59 11.80 -13.32
CA TYR B 25 27.74 12.53 -13.83
C TYR B 25 28.68 12.90 -12.69
N PRO B 26 29.97 12.62 -12.81
CA PRO B 26 30.92 13.01 -11.75
C PRO B 26 30.86 14.50 -11.41
N PRO B 27 30.78 15.42 -12.39
CA PRO B 27 30.61 16.84 -12.03
C PRO B 27 29.36 17.12 -11.21
N TYR B 28 28.42 16.19 -11.14
CA TYR B 28 27.21 16.30 -10.33
C TYR B 28 27.49 15.80 -8.92
N LEU B 29 27.91 14.54 -8.80
CA LEU B 29 28.29 13.98 -7.50
C LEU B 29 29.24 14.93 -6.77
N ARG B 30 30.11 15.62 -7.52
CA ARG B 30 31.00 16.60 -6.92
C ARG B 30 30.23 17.80 -6.39
N THR B 31 29.09 18.12 -7.00
CA THR B 31 28.26 19.20 -6.47
C THR B 31 27.59 18.76 -5.18
N ILE B 32 27.07 17.53 -5.15
CA ILE B 32 26.47 17.03 -3.92
C ILE B 32 27.50 16.96 -2.81
N GLY B 33 28.74 16.57 -3.14
CA GLY B 33 29.77 16.48 -2.13
C GLY B 33 30.20 17.84 -1.61
N LYS B 34 30.51 18.76 -2.52
CA LYS B 34 30.95 20.10 -2.10
C LYS B 34 29.80 20.92 -1.55
N LEU B 35 28.57 20.39 -1.63
CA LEU B 35 27.41 21.01 -0.98
C LEU B 35 27.36 20.68 0.51
N PHE B 36 27.65 19.43 0.88
CA PHE B 36 27.52 18.94 2.24
C PHE B 36 28.78 19.11 3.06
N GLY B 37 29.77 19.82 2.53
CA GLY B 37 30.99 20.05 3.27
C GLY B 37 32.03 18.98 3.10
N LEU B 38 31.84 18.05 2.17
CA LEU B 38 32.87 17.09 1.84
C LEU B 38 33.90 17.78 0.94
N ASN B 39 34.87 17.03 0.45
CA ASN B 39 35.90 17.57 -0.44
C ASN B 39 36.19 16.54 -1.51
N PRO B 40 35.31 16.43 -2.50
CA PRO B 40 35.50 15.44 -3.57
C PRO B 40 36.78 15.70 -4.33
N PRO B 41 37.31 14.70 -5.05
CA PRO B 41 38.61 14.86 -5.70
C PRO B 41 38.55 15.80 -6.90
N LEU B 42 39.66 15.89 -7.65
CA LEU B 42 39.74 16.79 -8.77
C LEU B 42 39.18 16.12 -10.01
N LEU B 43 38.43 16.90 -10.80
CA LEU B 43 37.77 16.34 -11.99
C LEU B 43 38.78 15.98 -13.07
N GLU B 44 39.65 16.92 -13.44
CA GLU B 44 40.55 16.75 -14.57
C GLU B 44 41.28 15.41 -14.53
N THR B 45 41.84 15.07 -13.37
CA THR B 45 42.55 13.80 -13.21
C THR B 45 41.66 12.65 -12.73
N ALA B 46 40.37 12.91 -12.51
CA ALA B 46 39.49 11.95 -11.85
C ALA B 46 39.49 10.60 -12.57
N LYS B 47 39.41 9.53 -11.79
CA LYS B 47 39.35 8.16 -12.28
C LYS B 47 38.01 7.59 -11.86
N VAL B 48 37.14 7.31 -12.83
CA VAL B 48 35.79 6.84 -12.57
C VAL B 48 35.70 5.37 -12.95
N LEU B 49 34.86 4.64 -12.21
CA LEU B 49 34.62 3.21 -12.39
C LEU B 49 33.12 3.00 -12.46
N ASP B 50 32.68 2.12 -13.37
CA ASP B 50 31.25 1.86 -13.52
C ASP B 50 31.00 0.36 -13.46
N ILE B 51 30.15 -0.05 -12.52
CA ILE B 51 29.81 -1.45 -12.31
C ILE B 51 28.46 -1.70 -12.98
N GLY B 52 28.39 -2.76 -13.77
CA GLY B 52 27.22 -2.95 -14.61
C GLY B 52 27.24 -1.92 -15.71
N CYS B 53 28.42 -1.70 -16.29
CA CYS B 53 28.59 -0.65 -17.29
C CYS B 53 27.62 -0.80 -18.45
N GLY B 54 27.34 -2.04 -18.85
CA GLY B 54 26.58 -2.24 -20.06
C GLY B 54 27.40 -1.79 -21.26
N ILE B 55 26.73 -1.11 -22.19
CA ILE B 55 27.43 -0.52 -23.32
C ILE B 55 28.51 0.44 -22.84
N GLY B 56 28.19 1.27 -21.84
CA GLY B 56 29.16 2.21 -21.30
C GLY B 56 28.97 3.64 -21.73
N VAL B 57 27.86 3.98 -22.38
CA VAL B 57 27.66 5.30 -22.96
C VAL B 57 27.53 6.33 -21.84
N ASN B 58 27.51 5.85 -20.60
CA ASN B 58 27.31 6.75 -19.46
C ASN B 58 28.57 7.53 -19.10
N LEU B 59 29.74 6.89 -19.17
CA LEU B 59 30.99 7.60 -18.87
C LEU B 59 31.56 8.35 -20.07
N LEU B 60 31.12 8.02 -21.29
CA LEU B 60 31.74 8.53 -22.50
C LEU B 60 31.81 10.05 -22.53
N ASN B 61 30.67 10.72 -22.32
CA ASN B 61 30.65 12.18 -22.43
C ASN B 61 31.61 12.83 -21.43
N PHE B 62 31.64 12.32 -20.20
CA PHE B 62 32.64 12.75 -19.23
C PHE B 62 34.03 12.61 -19.83
N ALA B 63 34.42 11.38 -20.19
CA ALA B 63 35.74 11.13 -20.73
C ALA B 63 36.09 12.03 -21.90
N GLU B 64 35.08 12.52 -22.64
CA GLU B 64 35.39 13.48 -23.69
C GLU B 64 35.57 14.89 -23.13
N THR B 65 34.89 15.21 -22.02
CA THR B 65 35.01 16.56 -21.48
C THR B 65 36.32 16.76 -20.73
N TYR B 66 36.84 15.71 -20.08
CA TYR B 66 38.08 15.78 -19.31
C TYR B 66 39.08 14.79 -19.89
N PRO B 67 39.83 15.19 -20.92
CA PRO B 67 40.69 14.21 -21.64
C PRO B 67 41.71 13.54 -20.75
N LYS B 68 42.00 14.10 -19.58
CA LYS B 68 42.96 13.51 -18.66
C LYS B 68 42.32 12.58 -17.64
N SER B 69 41.00 12.42 -17.67
CA SER B 69 40.32 11.59 -16.70
C SER B 69 40.18 10.19 -17.27
N GLN B 70 40.91 9.23 -16.71
CA GLN B 70 40.76 7.85 -17.13
C GLN B 70 39.47 7.25 -16.55
N SER B 71 39.04 6.14 -17.13
CA SER B 71 37.81 5.52 -16.68
C SER B 71 37.83 4.03 -17.00
N LEU B 72 37.16 3.26 -16.15
CA LEU B 72 37.06 1.82 -16.33
C LEU B 72 35.65 1.38 -16.00
N GLY B 73 35.00 0.75 -16.99
CA GLY B 73 33.76 0.03 -16.77
C GLY B 73 33.91 -1.47 -16.75
N VAL B 74 32.89 -2.14 -16.22
CA VAL B 74 32.88 -3.59 -16.12
C VAL B 74 31.44 -4.06 -16.27
N ASP B 75 31.28 -5.26 -16.84
CA ASP B 75 29.98 -5.91 -16.93
C ASP B 75 30.20 -7.41 -17.14
N LEU B 76 29.16 -8.17 -16.86
CA LEU B 76 29.22 -9.61 -17.06
C LEU B 76 28.98 -10.02 -18.51
N SER B 77 28.29 -9.20 -19.30
CA SER B 77 27.96 -9.57 -20.67
C SER B 77 29.14 -9.28 -21.59
N LYS B 78 29.68 -10.31 -22.23
CA LYS B 78 30.76 -10.12 -23.19
C LYS B 78 30.28 -9.37 -24.42
N THR B 79 29.03 -9.61 -24.83
CA THR B 79 28.41 -8.93 -25.97
C THR B 79 28.45 -7.43 -25.77
N GLN B 80 27.72 -6.95 -24.77
CA GLN B 80 27.66 -5.52 -24.46
C GLN B 80 29.05 -4.90 -24.42
N ILE B 81 29.98 -5.54 -23.71
CA ILE B 81 31.36 -5.05 -23.65
C ILE B 81 31.93 -4.83 -25.05
N GLU B 82 31.87 -5.84 -25.91
CA GLU B 82 32.44 -5.69 -27.26
C GLU B 82 31.74 -4.61 -28.07
N LEU B 83 30.40 -4.60 -28.06
CA LEU B 83 29.66 -3.59 -28.81
C LEU B 83 30.02 -2.19 -28.34
N GLY B 84 30.03 -2.00 -27.02
CA GLY B 84 30.47 -0.74 -26.46
C GLY B 84 31.86 -0.37 -26.92
N LYS B 85 32.79 -1.33 -26.88
CA LYS B 85 34.14 -1.09 -27.40
C LYS B 85 34.10 -0.59 -28.84
N LYS B 86 33.13 -1.04 -29.63
CA LYS B 86 32.98 -0.51 -30.97
C LYS B 86 32.58 0.97 -30.93
N THR B 87 31.48 1.28 -30.23
CA THR B 87 31.05 2.67 -30.11
C THR B 87 32.18 3.56 -29.59
N ILE B 88 33.01 3.05 -28.70
CA ILE B 88 34.11 3.82 -28.13
C ILE B 88 35.21 4.06 -29.17
N SER B 89 35.53 3.03 -29.96
CA SER B 89 36.55 3.20 -30.99
C SER B 89 36.10 4.15 -32.10
N ASP B 90 34.85 4.00 -32.55
CA ASP B 90 34.34 4.76 -33.69
C ASP B 90 34.21 6.26 -33.42
N ALA B 91 34.13 6.67 -32.16
CA ALA B 91 34.07 8.09 -31.80
C ALA B 91 35.44 8.67 -31.52
N LYS B 92 36.49 7.85 -31.61
CA LYS B 92 37.87 8.25 -31.33
C LYS B 92 38.00 8.67 -29.87
N ILE B 93 37.39 7.88 -28.98
CA ILE B 93 37.50 8.10 -27.55
C ILE B 93 38.50 7.09 -27.05
N ASN B 94 39.70 7.54 -26.72
CA ASN B 94 40.76 6.66 -26.27
C ASN B 94 40.84 6.59 -24.76
N ASN B 95 40.00 7.35 -24.08
CA ASN B 95 40.15 7.55 -22.65
C ASN B 95 39.59 6.40 -21.83
N VAL B 96 38.40 5.91 -22.19
CA VAL B 96 37.73 4.91 -21.37
C VAL B 96 38.30 3.52 -21.65
N GLU B 97 38.04 2.61 -20.71
CA GLU B 97 38.44 1.23 -20.83
C GLU B 97 37.31 0.38 -20.29
N LEU B 98 36.94 -0.68 -21.03
CA LEU B 98 35.86 -1.56 -20.61
C LEU B 98 36.35 -2.98 -20.58
N LYS B 99 35.91 -3.75 -19.57
CA LYS B 99 36.31 -5.15 -19.50
C LYS B 99 35.10 -5.97 -19.06
N ALA B 100 35.00 -7.19 -19.60
CA ALA B 100 33.91 -8.10 -19.26
C ALA B 100 34.35 -8.98 -18.09
N LEU B 101 33.69 -8.82 -16.95
CA LEU B 101 34.02 -9.59 -15.75
C LEU B 101 32.78 -9.65 -14.86
N SER B 102 32.88 -10.44 -13.80
CA SER B 102 31.86 -10.52 -12.75
C SER B 102 32.34 -9.73 -11.54
N ILE B 103 31.40 -9.12 -10.82
CA ILE B 103 31.77 -8.25 -9.70
C ILE B 103 32.55 -9.00 -8.63
N LEU B 104 32.54 -10.33 -8.68
CA LEU B 104 33.12 -11.18 -7.64
C LEU B 104 34.63 -11.38 -7.80
N ASP B 105 35.23 -10.82 -8.85
CA ASP B 105 36.66 -11.00 -9.12
C ASP B 105 37.56 -9.87 -8.62
N LEU B 106 37.01 -8.81 -8.05
CA LEU B 106 37.83 -7.65 -7.68
C LEU B 106 38.80 -8.01 -6.55
N ASP B 107 39.97 -7.39 -6.58
CA ASP B 107 41.02 -7.82 -5.66
C ASP B 107 41.27 -6.91 -4.42
N GLU B 108 41.74 -5.64 -4.48
CA GLU B 108 42.18 -4.85 -5.65
C GLU B 108 43.58 -5.32 -6.06
N SER B 109 43.90 -5.32 -7.36
CA SER B 109 43.57 -4.31 -8.37
C SER B 109 42.09 -4.21 -8.84
N TYR B 110 41.72 -3.24 -9.70
CA TYR B 110 42.65 -2.31 -10.36
C TYR B 110 42.53 -0.88 -9.87
N GLY B 111 43.48 -0.45 -9.04
CA GLY B 111 43.53 0.95 -8.66
C GLY B 111 42.39 1.33 -7.75
N LYS B 112 42.46 2.51 -7.17
CA LYS B 112 41.30 3.12 -6.53
C LYS B 112 40.79 4.25 -7.42
N PHE B 113 39.48 4.46 -7.40
CA PHE B 113 38.86 5.43 -8.28
C PHE B 113 38.24 6.56 -7.48
N ASP B 114 38.24 7.75 -8.10
CA ASP B 114 37.71 8.95 -7.47
C ASP B 114 36.19 9.02 -7.51
N TYR B 115 35.55 8.36 -8.47
CA TYR B 115 34.10 8.32 -8.55
C TYR B 115 33.70 6.93 -9.00
N ILE B 116 32.79 6.29 -8.25
CA ILE B 116 32.29 5.00 -8.69
C ILE B 116 30.77 5.10 -8.84
N VAL B 117 30.25 4.40 -9.84
CA VAL B 117 28.83 4.43 -10.15
C VAL B 117 28.33 3.02 -10.40
N CYS B 118 27.29 2.64 -9.68
CA CYS B 118 26.54 1.42 -9.90
C CYS B 118 25.07 1.81 -10.01
N HIS B 119 24.53 1.68 -11.22
CA HIS B 119 23.15 2.04 -11.46
C HIS B 119 22.40 0.77 -11.13
N GLY B 120 21.07 0.74 -11.27
CA GLY B 120 20.58 -0.46 -10.64
C GLY B 120 20.96 -1.74 -11.34
N VAL B 121 21.94 -2.39 -10.71
CA VAL B 121 22.11 -3.84 -10.68
C VAL B 121 21.83 -4.37 -9.29
N TYR B 122 21.68 -3.46 -8.31
CA TYR B 122 21.64 -3.86 -6.90
C TYR B 122 20.41 -4.70 -6.57
N SER B 123 19.27 -4.38 -7.16
CA SER B 123 18.04 -5.09 -6.86
C SER B 123 17.89 -6.35 -7.69
N TRP B 124 18.71 -6.51 -8.72
CA TRP B 124 18.54 -7.56 -9.71
C TRP B 124 19.42 -8.79 -9.47
N VAL B 125 20.22 -8.82 -8.39
CA VAL B 125 21.23 -9.87 -8.23
C VAL B 125 21.21 -10.40 -6.80
N SER B 126 21.85 -11.57 -6.62
CA SER B 126 21.83 -12.31 -5.37
C SER B 126 22.50 -11.55 -4.22
N GLN B 127 22.10 -11.92 -2.99
CA GLN B 127 22.69 -11.35 -1.78
C GLN B 127 24.22 -11.44 -1.79
N GLU B 128 24.76 -12.54 -2.32
CA GLU B 128 26.20 -12.74 -2.35
C GLU B 128 26.91 -11.61 -3.10
N VAL B 129 26.44 -11.32 -4.32
CA VAL B 129 26.98 -10.20 -5.07
C VAL B 129 26.57 -8.89 -4.44
N GLN B 130 25.40 -8.87 -3.80
CA GLN B 130 24.85 -7.67 -3.16
C GLN B 130 25.83 -7.07 -2.16
N ASP B 131 26.09 -7.75 -1.03
CA ASP B 131 27.09 -7.24 -0.11
C ASP B 131 28.45 -7.02 -0.79
N LYS B 132 28.80 -7.92 -1.71
CA LYS B 132 30.07 -7.82 -2.42
C LYS B 132 30.22 -6.47 -3.12
N ILE B 133 29.11 -5.87 -3.58
CA ILE B 133 29.17 -4.55 -4.19
C ILE B 133 29.70 -3.54 -3.18
N LEU B 134 29.01 -3.42 -2.05
CA LEU B 134 29.46 -2.52 -0.98
C LEU B 134 30.93 -2.77 -0.66
N GLU B 135 31.32 -4.04 -0.49
CA GLU B 135 32.71 -4.35 -0.15
C GLU B 135 33.70 -3.83 -1.21
N VAL B 136 33.42 -4.01 -2.51
CA VAL B 136 34.29 -3.39 -3.51
C VAL B 136 34.28 -1.88 -3.35
N LEU B 137 33.12 -1.31 -3.02
CA LEU B 137 33.05 0.13 -2.76
C LEU B 137 33.84 0.52 -1.53
N ASN B 138 34.22 -0.46 -0.71
CA ASN B 138 35.08 -0.25 0.43
C ASN B 138 36.52 -0.17 -0.07
N LYS B 139 37.00 -1.24 -0.73
CA LYS B 139 38.40 -1.29 -1.13
C LYS B 139 38.71 -0.53 -2.42
N LEU B 140 37.73 -0.30 -3.30
CA LEU B 140 38.00 0.34 -4.59
C LEU B 140 37.77 1.85 -4.59
N LEU B 141 37.41 2.45 -3.47
CA LEU B 141 37.07 3.86 -3.38
C LEU B 141 38.18 4.62 -2.67
N ASN B 142 38.81 5.55 -3.39
CA ASN B 142 39.76 6.48 -2.76
C ASN B 142 39.07 7.27 -1.64
N PRO B 143 39.81 7.64 -0.59
CA PRO B 143 39.16 8.11 0.65
C PRO B 143 38.15 9.24 0.47
N ASN B 144 38.51 10.30 -0.26
CA ASN B 144 37.59 11.42 -0.46
C ASN B 144 36.61 11.18 -1.59
N GLY B 145 36.67 10.04 -2.25
CA GLY B 145 35.84 9.73 -3.38
C GLY B 145 34.37 9.61 -3.03
N ILE B 146 33.58 9.26 -4.03
CA ILE B 146 32.13 9.25 -3.93
C ILE B 146 31.60 7.98 -4.58
N ALA B 147 30.63 7.36 -3.91
CA ALA B 147 30.01 6.15 -4.41
C ALA B 147 28.56 6.42 -4.78
N PHE B 148 28.10 5.75 -5.83
CA PHE B 148 26.71 5.87 -6.27
C PHE B 148 26.17 4.47 -6.44
N VAL B 149 25.03 4.19 -5.83
CA VAL B 149 24.32 2.91 -5.97
C VAL B 149 22.84 3.22 -6.09
N SER B 150 22.15 2.62 -7.05
CA SER B 150 20.73 2.83 -7.18
C SER B 150 19.99 1.52 -6.92
N TYR B 151 18.82 1.62 -6.28
CA TYR B 151 18.07 0.42 -5.91
C TYR B 151 16.60 0.75 -5.75
N ASN B 152 15.81 -0.30 -5.52
CA ASN B 152 14.39 -0.23 -5.23
C ASN B 152 14.14 -0.28 -3.73
N THR B 153 13.10 0.42 -3.26
CA THR B 153 12.84 0.51 -1.84
C THR B 153 11.38 0.19 -1.52
N LEU B 154 11.17 -0.33 -0.33
CA LEU B 154 9.83 -0.55 0.23
C LEU B 154 9.47 0.65 1.09
N PRO B 155 8.17 0.89 1.31
CA PRO B 155 7.06 0.12 0.73
C PRO B 155 6.58 0.61 -0.62
N GLY B 156 7.47 0.88 -1.55
CA GLY B 156 7.04 1.21 -2.90
C GLY B 156 7.20 0.01 -3.80
N TRP B 157 8.02 -0.93 -3.34
CA TRP B 157 8.28 -2.16 -4.08
C TRP B 157 7.13 -3.15 -3.95
N ASN B 158 6.37 -3.06 -2.85
CA ASN B 158 5.25 -3.96 -2.59
C ASN B 158 4.25 -3.92 -3.75
N MET B 159 3.64 -2.76 -3.96
CA MET B 159 2.64 -2.57 -5.01
C MET B 159 3.11 -3.08 -6.37
N GLN B 160 4.15 -2.44 -6.92
CA GLN B 160 4.68 -2.83 -8.22
C GLN B 160 4.90 -4.34 -8.30
N ASN B 161 5.44 -4.91 -7.22
CA ASN B 161 5.63 -6.36 -7.15
C ASN B 161 4.31 -7.09 -7.36
N THR B 162 3.33 -6.85 -6.49
CA THR B 162 2.02 -7.49 -6.62
C THR B 162 1.42 -7.30 -8.01
N ILE B 163 1.59 -6.13 -8.63
CA ILE B 163 1.06 -5.94 -9.98
C ILE B 163 1.75 -6.86 -10.96
N ARG B 164 3.05 -7.11 -10.74
CA ARG B 164 3.74 -8.12 -11.55
C ARG B 164 3.17 -9.50 -11.26
N GLU B 165 2.64 -9.72 -10.05
CA GLU B 165 2.00 -10.99 -9.73
C GLU B 165 0.67 -11.14 -10.46
N MET B 166 -0.20 -10.12 -10.38
CA MET B 166 -1.49 -10.13 -11.07
C MET B 166 -1.30 -10.40 -12.56
N MET B 167 -0.48 -9.58 -13.22
CA MET B 167 -0.17 -9.84 -14.62
C MET B 167 0.39 -11.24 -14.81
N MET B 168 1.31 -11.63 -13.93
CA MET B 168 1.97 -12.94 -13.96
C MET B 168 1.02 -14.11 -13.75
N PHE B 169 -0.19 -13.86 -13.29
CA PHE B 169 -1.13 -14.94 -12.99
C PHE B 169 -2.14 -15.23 -14.10
N HIS B 170 -2.12 -14.47 -15.19
CA HIS B 170 -3.00 -14.76 -16.33
C HIS B 170 -2.25 -14.58 -17.63
N SER B 171 -2.35 -15.57 -18.50
CA SER B 171 -1.66 -15.54 -19.79
C SER B 171 -2.34 -16.47 -20.81
N HIS B 178 -5.96 -16.99 -25.10
CA HIS B 178 -5.41 -15.88 -24.32
C HIS B 178 -3.89 -15.84 -24.42
N ASP B 179 -3.36 -15.24 -25.48
CA ASP B 179 -1.92 -15.05 -25.61
C ASP B 179 -1.64 -13.72 -26.30
N LYS B 180 -0.71 -12.94 -25.75
CA LYS B 180 -0.18 -11.80 -26.49
C LYS B 180 1.36 -11.68 -26.48
N LEU B 181 2.06 -11.50 -25.36
CA LEU B 181 1.58 -11.59 -23.96
C LEU B 181 1.20 -10.21 -23.40
N GLN B 182 1.25 -9.20 -24.27
CA GLN B 182 0.89 -7.83 -23.93
C GLN B 182 -0.58 -7.70 -23.51
N GLN B 183 -1.31 -8.82 -23.56
CA GLN B 183 -2.66 -8.90 -23.00
C GLN B 183 -2.68 -8.47 -21.54
N ALA B 184 -1.52 -8.45 -20.87
CA ALA B 184 -1.40 -7.83 -19.55
C ALA B 184 -1.97 -6.41 -19.56
N ARG B 185 -1.74 -5.65 -20.64
CA ARG B 185 -2.35 -4.33 -20.75
C ARG B 185 -3.85 -4.43 -20.86
N LEU B 186 -4.36 -5.50 -21.49
CA LEU B 186 -5.79 -5.77 -21.52
C LEU B 186 -6.27 -6.17 -20.12
N LEU B 187 -5.33 -6.48 -19.23
CA LEU B 187 -5.62 -6.59 -17.80
C LEU B 187 -5.94 -5.22 -17.21
N LEU B 188 -5.09 -4.23 -17.50
CA LEU B 188 -5.26 -2.91 -16.89
C LEU B 188 -6.44 -2.16 -17.48
N LYS B 189 -6.57 -2.16 -18.82
CA LYS B 189 -7.81 -1.72 -19.44
C LYS B 189 -8.98 -2.45 -18.82
N PHE B 190 -8.72 -3.65 -18.29
CA PHE B 190 -9.68 -4.37 -17.47
C PHE B 190 -9.84 -3.71 -16.10
N ILE B 191 -8.75 -3.67 -15.33
CA ILE B 191 -8.78 -3.14 -13.95
C ILE B 191 -9.50 -1.79 -13.89
N ASN B 192 -8.97 -0.77 -14.56
CA ASN B 192 -9.64 0.53 -14.55
C ASN B 192 -11.12 0.39 -14.92
N ASP B 193 -11.42 -0.43 -15.93
CA ASP B 193 -12.80 -0.77 -16.27
C ASP B 193 -13.44 -1.65 -15.21
N SER B 194 -12.69 -2.63 -14.70
CA SER B 194 -13.11 -3.48 -13.60
C SER B 194 -13.04 -2.58 -12.38
N LEU B 195 -13.13 -3.12 -11.16
CA LEU B 195 -13.21 -2.18 -10.05
C LEU B 195 -14.46 -1.35 -10.34
N GLY B 196 -14.29 -0.09 -10.74
CA GLY B 196 -15.46 0.77 -10.87
C GLY B 196 -15.66 1.42 -9.52
N ASN B 197 -16.90 1.54 -9.07
CA ASN B 197 -17.15 2.05 -7.74
C ASN B 197 -16.64 1.02 -6.74
N SER B 198 -16.94 1.17 -5.44
CA SER B 198 -15.96 1.19 -4.35
C SER B 198 -15.18 2.50 -4.36
N THR B 199 -15.85 3.56 -3.88
CA THR B 199 -15.41 4.95 -3.99
C THR B 199 -13.97 5.20 -3.54
N THR B 200 -13.68 5.22 -2.23
CA THR B 200 -12.26 5.24 -1.89
C THR B 200 -11.87 4.46 -0.64
N PRO B 201 -12.13 3.15 -0.46
CA PRO B 201 -11.45 2.54 0.69
C PRO B 201 -9.96 2.30 0.48
N TYR B 202 -9.67 1.39 -0.46
CA TYR B 202 -8.38 1.18 -1.10
C TYR B 202 -8.46 1.46 -2.59
N ALA B 203 -9.67 1.62 -3.12
CA ALA B 203 -9.93 1.56 -4.56
C ALA B 203 -9.48 2.80 -5.31
N ASN B 204 -9.54 3.98 -4.67
CA ASN B 204 -8.94 5.16 -5.30
C ASN B 204 -7.47 4.91 -5.59
N PHE B 205 -6.80 4.14 -4.72
CA PHE B 205 -5.47 3.64 -4.96
C PHE B 205 -5.54 2.45 -5.93
N LEU B 206 -4.37 1.98 -6.36
CA LEU B 206 -4.22 0.88 -7.33
C LEU B 206 -4.78 1.27 -8.69
N ARG B 207 -5.71 2.23 -8.71
CA ARG B 207 -6.09 2.88 -9.95
C ARG B 207 -4.91 3.68 -10.48
N ASP B 208 -4.27 4.44 -9.59
CA ASP B 208 -3.05 5.17 -9.93
C ASP B 208 -1.95 4.22 -10.36
N GLU B 209 -1.82 3.07 -9.71
CA GLU B 209 -0.74 2.15 -10.04
C GLU B 209 -0.98 1.47 -11.37
N ALA B 210 -2.23 1.15 -11.69
CA ALA B 210 -2.53 0.58 -13.00
C ALA B 210 -2.41 1.62 -14.09
N LYS B 211 -3.22 2.68 -14.00
CA LYS B 211 -3.19 3.79 -14.95
C LYS B 211 -1.80 4.38 -15.16
N LEU B 212 -0.92 4.29 -14.16
CA LEU B 212 0.40 4.92 -14.22
C LEU B 212 1.44 4.07 -14.94
N ILE B 213 1.18 2.80 -15.23
CA ILE B 213 2.07 2.07 -16.13
C ILE B 213 1.65 2.20 -17.59
N SER B 214 0.46 2.71 -17.87
CA SER B 214 0.04 2.87 -19.27
C SER B 214 0.90 3.89 -20.00
N THR B 215 1.79 4.54 -19.26
CA THR B 215 2.80 5.48 -19.65
C THR B 215 4.12 4.69 -19.78
N TYR B 216 5.24 5.41 -19.81
CA TYR B 216 6.57 4.88 -20.07
C TYR B 216 6.61 4.33 -21.50
N ASP B 217 6.98 3.05 -21.66
CA ASP B 217 7.12 2.47 -22.98
C ASP B 217 7.00 0.97 -22.87
N ASP B 218 6.68 0.35 -24.00
CA ASP B 218 6.53 -1.09 -24.07
C ASP B 218 7.76 -1.81 -23.53
N SER B 219 8.93 -1.17 -23.59
CA SER B 219 10.15 -1.78 -23.04
C SER B 219 10.13 -1.81 -21.52
N TYR B 220 9.87 -0.67 -20.88
CA TYR B 220 9.86 -0.57 -19.41
C TYR B 220 9.06 -1.69 -18.78
N VAL B 221 7.76 -1.73 -19.08
CA VAL B 221 6.87 -2.74 -18.50
C VAL B 221 7.47 -4.14 -18.60
N LEU B 222 7.93 -4.51 -19.80
CA LEU B 222 8.52 -5.84 -20.00
C LEU B 222 9.81 -6.02 -19.22
N HIS B 223 10.54 -4.94 -18.95
CA HIS B 223 11.83 -5.04 -18.26
C HIS B 223 11.60 -5.21 -16.77
N GLU B 224 11.05 -4.18 -16.13
CA GLU B 224 10.74 -4.21 -14.70
C GLU B 224 9.78 -5.34 -14.35
N TYR B 225 8.55 -5.30 -14.87
CA TYR B 225 7.44 -6.13 -14.41
C TYR B 225 7.43 -7.55 -14.96
N LEU B 226 8.39 -7.92 -15.80
CA LEU B 226 8.48 -9.28 -16.30
C LEU B 226 9.84 -9.88 -15.99
N GLY B 227 10.92 -9.31 -16.53
CA GLY B 227 12.27 -9.71 -16.17
C GLY B 227 12.70 -11.16 -16.28
N GLU B 228 13.74 -11.59 -15.55
CA GLU B 228 14.55 -10.84 -14.56
C GLU B 228 13.87 -10.31 -13.31
N ILE B 229 13.60 -11.22 -12.37
CA ILE B 229 12.95 -10.85 -11.11
C ILE B 229 13.91 -9.99 -10.28
N ASN B 230 13.43 -8.85 -9.83
CA ASN B 230 14.19 -7.96 -8.96
C ASN B 230 13.50 -7.88 -7.59
N THR B 231 14.28 -7.50 -6.58
CA THR B 231 13.80 -7.48 -5.20
C THR B 231 14.09 -6.11 -4.60
N GLY B 232 13.11 -5.57 -3.89
CA GLY B 232 13.32 -4.31 -3.22
C GLY B 232 13.94 -4.51 -1.86
N THR B 233 14.50 -3.44 -1.32
CA THR B 233 15.07 -3.47 0.02
C THR B 233 14.63 -2.24 0.79
N TYR B 234 15.00 -2.18 2.06
CA TYR B 234 14.61 -1.10 2.95
C TYR B 234 15.79 -0.16 3.12
N PHE B 235 15.48 1.14 3.28
CA PHE B 235 16.53 2.14 3.46
C PHE B 235 17.48 1.66 4.54
N HIS B 236 16.97 1.59 5.78
CA HIS B 236 17.82 1.22 6.91
C HIS B 236 18.50 -0.13 6.69
N GLN B 237 17.91 -1.01 5.88
CA GLN B 237 18.59 -2.26 5.56
C GLN B 237 19.74 -2.04 4.59
N PHE B 238 19.54 -1.19 3.58
CA PHE B 238 20.63 -0.87 2.66
C PHE B 238 21.78 -0.21 3.40
N ILE B 239 21.56 1.01 3.91
CA ILE B 239 22.68 1.73 4.54
C ILE B 239 23.10 1.09 5.84
N GLU B 240 22.28 0.20 6.41
CA GLU B 240 22.80 -0.64 7.47
C GLU B 240 23.73 -1.71 6.92
N LYS B 241 23.58 -2.08 5.64
CA LYS B 241 24.53 -2.95 4.98
C LYS B 241 25.71 -2.17 4.44
N ALA B 242 25.57 -0.85 4.34
CA ALA B 242 26.65 0.06 3.99
C ALA B 242 27.53 0.30 5.20
N GLN B 243 26.91 0.44 6.37
CA GLN B 243 27.70 0.37 7.57
C GLN B 243 28.18 -1.06 7.72
N LYS B 244 29.05 -1.29 8.70
CA LYS B 244 29.67 -2.60 8.95
C LYS B 244 30.55 -2.94 7.74
N ASN B 245 30.29 -2.25 6.62
CA ASN B 245 31.09 -2.20 5.42
C ASN B 245 31.95 -0.95 5.40
N HIS B 246 31.89 -0.17 6.48
CA HIS B 246 32.66 1.06 6.67
C HIS B 246 32.31 2.10 5.62
N LEU B 247 31.02 2.34 5.43
CA LEU B 247 30.53 3.39 4.55
C LEU B 247 29.38 4.12 5.22
N ASN B 248 29.16 5.36 4.80
CA ASN B 248 28.15 6.24 5.36
C ASN B 248 27.33 6.86 4.23
N TYR B 249 26.18 7.42 4.64
CA TYR B 249 25.17 7.94 3.72
C TYR B 249 25.42 9.43 3.48
N LEU B 250 25.80 9.77 2.26
CA LEU B 250 26.05 11.16 1.91
C LEU B 250 24.75 11.89 1.61
N GLY B 251 23.82 11.25 0.92
CA GLY B 251 22.61 11.90 0.48
C GLY B 251 21.95 11.14 -0.67
N ASP B 252 21.17 11.87 -1.44
CA ASP B 252 20.47 11.31 -2.59
C ASP B 252 20.69 12.23 -3.78
N THR B 253 20.81 11.64 -4.98
CA THR B 253 21.01 12.48 -6.16
C THR B 253 19.77 13.27 -6.54
N SER B 254 18.63 12.97 -5.92
CA SER B 254 17.40 13.74 -6.12
C SER B 254 17.26 14.63 -4.90
N ILE B 255 17.52 15.93 -5.09
CA ILE B 255 17.48 16.88 -3.98
C ILE B 255 16.08 17.00 -3.42
N ALA B 256 15.07 17.07 -4.30
CA ALA B 256 13.70 17.31 -3.88
C ALA B 256 13.14 16.17 -3.02
N ALA B 257 13.86 15.07 -2.90
CA ALA B 257 13.48 13.98 -2.02
C ALA B 257 13.90 14.30 -0.59
N MET B 258 15.20 14.49 -0.38
CA MET B 258 15.81 14.72 0.93
C MET B 258 15.21 15.91 1.67
N PHE B 259 14.44 16.75 0.99
CA PHE B 259 13.84 17.93 1.58
C PHE B 259 12.49 17.57 2.21
N ILE B 260 12.25 18.08 3.42
CA ILE B 260 11.02 17.87 4.17
C ILE B 260 10.34 19.22 4.33
N GLY B 261 9.17 19.25 4.98
CA GLY B 261 8.45 20.50 5.18
C GLY B 261 7.16 20.66 4.41
N ASN B 262 6.85 19.75 3.47
CA ASN B 262 5.53 19.78 2.85
C ASN B 262 4.44 19.28 3.80
N LEU B 263 4.81 18.46 4.78
CA LEU B 263 3.90 18.01 5.81
C LEU B 263 3.61 19.15 6.79
N PRO B 264 2.50 19.06 7.55
CA PRO B 264 2.20 20.13 8.51
C PRO B 264 3.36 20.40 9.46
N THR B 265 3.44 21.67 9.90
CA THR B 265 4.54 22.16 10.71
C THR B 265 4.76 21.35 11.98
N LYS B 266 3.66 21.02 12.67
CA LYS B 266 3.72 20.27 13.92
C LYS B 266 4.57 19.02 13.79
N ALA B 267 4.27 18.19 12.79
CA ALA B 267 5.03 16.97 12.58
C ALA B 267 6.50 17.27 12.26
N ALA B 268 6.74 18.23 11.36
CA ALA B 268 8.09 18.62 10.99
C ALA B 268 8.97 18.85 12.22
N SER B 269 8.49 19.68 13.15
CA SER B 269 9.23 19.91 14.39
C SER B 269 9.66 18.59 15.05
N LYS B 270 8.67 17.77 15.41
CA LYS B 270 8.94 16.47 16.03
C LYS B 270 9.85 15.58 15.20
N LEU B 271 9.93 15.81 13.90
CA LEU B 271 10.85 15.07 13.03
C LEU B 271 12.28 15.55 13.28
N GLN B 272 12.56 16.81 12.94
CA GLN B 272 13.90 17.35 13.12
C GLN B 272 14.41 17.11 14.54
N ALA B 273 13.52 17.17 15.53
CA ALA B 273 13.89 17.02 16.94
C ALA B 273 14.75 15.79 17.23
N ILE B 274 14.51 14.68 16.51
CA ILE B 274 15.31 13.49 16.78
C ILE B 274 16.70 13.60 16.16
N ASN B 275 16.83 14.30 15.02
CA ASN B 275 18.13 14.65 14.43
C ASN B 275 18.96 13.40 14.10
N ASP B 276 18.33 12.46 13.40
CA ASP B 276 19.05 11.31 12.82
C ASP B 276 18.64 11.19 11.36
N ILE B 277 19.60 11.34 10.44
CA ILE B 277 19.29 11.31 9.01
C ILE B 277 18.57 10.01 8.64
N VAL B 278 19.12 8.88 9.08
CA VAL B 278 18.59 7.59 8.68
C VAL B 278 17.15 7.46 9.12
N CYS B 279 16.82 8.06 10.27
CA CYS B 279 15.45 8.00 10.77
C CYS B 279 14.52 8.88 9.93
N THR B 280 14.91 10.12 9.69
CA THR B 280 14.05 11.01 8.93
C THR B 280 13.86 10.52 7.50
N GLU B 281 14.90 9.96 6.90
CA GLU B 281 14.79 9.46 5.54
C GLU B 281 13.97 8.17 5.49
N GLN B 282 14.40 7.15 6.25
CA GLN B 282 13.67 5.89 6.30
C GLN B 282 12.20 6.13 6.60
N TYR B 283 11.91 7.09 7.48
CA TYR B 283 10.52 7.42 7.78
C TYR B 283 9.86 8.19 6.64
N MET B 284 10.62 9.01 5.91
CA MET B 284 10.09 9.69 4.72
C MET B 284 9.77 8.73 3.59
N ASP B 285 10.35 7.53 3.57
CA ASP B 285 10.01 6.56 2.54
C ASP B 285 8.60 6.00 2.73
N PHE B 286 8.15 5.89 3.98
CA PHE B 286 6.85 5.29 4.25
C PHE B 286 5.72 6.22 3.81
N ILE B 287 5.85 7.51 4.10
CA ILE B 287 4.73 8.40 3.83
C ILE B 287 4.66 8.80 2.37
N THR B 288 5.75 8.61 1.62
CA THR B 288 5.78 8.88 0.19
C THR B 288 5.48 7.64 -0.66
N ASN B 289 5.51 6.44 -0.07
CA ASN B 289 5.55 5.20 -0.82
C ASN B 289 6.72 5.27 -1.80
N ARG B 290 7.92 5.20 -1.24
CA ARG B 290 9.14 5.45 -2.01
C ARG B 290 9.56 4.18 -2.71
N LYS B 291 9.57 4.24 -4.03
CA LYS B 291 9.90 3.10 -4.87
C LYS B 291 11.40 2.95 -5.05
N PHE B 292 12.06 3.95 -5.63
CA PHE B 292 13.48 3.83 -5.89
C PHE B 292 14.29 4.81 -5.06
N ARG B 293 15.60 4.65 -5.15
CA ARG B 293 16.51 5.62 -4.58
C ARG B 293 17.83 5.55 -5.33
N SER B 294 18.48 6.69 -5.48
CA SER B 294 19.86 6.73 -5.97
C SER B 294 20.68 7.35 -4.86
N THR B 295 21.49 6.54 -4.19
CA THR B 295 22.16 6.95 -2.97
C THR B 295 23.65 6.99 -3.20
N LEU B 296 24.29 8.01 -2.61
CA LEU B 296 25.72 8.20 -2.69
C LEU B 296 26.30 7.96 -1.30
N LEU B 297 27.43 7.25 -1.26
CA LEU B 297 28.06 6.90 0.01
C LEU B 297 29.48 7.44 0.03
N CYS B 298 30.04 7.47 1.24
CA CYS B 298 31.40 7.98 1.43
C CYS B 298 32.01 7.24 2.62
N HIS B 299 33.32 7.39 2.78
CA HIS B 299 34.01 6.74 3.89
C HIS B 299 33.53 7.30 5.23
N GLN B 300 33.38 6.41 6.21
CA GLN B 300 32.78 6.72 7.51
C GLN B 300 33.65 7.60 8.39
N ASN B 301 34.86 7.93 7.94
CA ASN B 301 35.72 8.85 8.70
C ASN B 301 35.23 10.29 8.54
N ILE B 302 35.21 10.79 7.31
CA ILE B 302 34.91 12.18 7.00
C ILE B 302 33.59 12.61 7.61
N PRO B 303 33.59 13.61 8.49
CA PRO B 303 32.32 14.12 9.02
C PRO B 303 31.59 14.90 7.95
N ILE B 304 30.26 14.86 8.02
CA ILE B 304 29.38 15.52 7.08
C ILE B 304 28.59 16.59 7.83
N ASN B 305 28.27 17.67 7.12
CA ASN B 305 27.55 18.79 7.72
C ASN B 305 26.36 19.09 6.83
N ARG B 306 25.17 18.85 7.36
CA ARG B 306 23.93 19.10 6.64
C ARG B 306 23.36 20.47 6.96
N LYS B 307 24.00 21.23 7.83
CA LYS B 307 23.71 22.65 7.95
C LYS B 307 24.10 23.35 6.65
N ILE B 308 23.15 24.08 6.08
CA ILE B 308 23.43 24.83 4.85
C ILE B 308 23.67 26.27 5.28
N GLU B 309 24.92 26.70 5.18
CA GLU B 309 25.34 28.05 5.53
C GLU B 309 25.54 28.79 4.21
N PHE B 310 24.73 29.81 3.98
CA PHE B 310 24.70 30.52 2.71
C PHE B 310 26.08 30.95 2.26
N ASP B 311 26.97 31.24 3.21
CA ASP B 311 28.29 31.73 2.91
C ASP B 311 29.09 30.70 2.13
N ASN B 312 28.76 29.41 2.29
CA ASN B 312 29.35 28.36 1.48
C ASN B 312 28.55 28.08 0.23
N LEU B 313 27.33 28.60 0.13
CA LEU B 313 26.47 28.40 -1.03
C LEU B 313 26.60 29.48 -2.08
N LYS B 314 27.28 30.58 -1.78
CA LYS B 314 27.46 31.61 -2.78
C LYS B 314 28.47 31.24 -3.85
N ASP B 315 29.17 30.12 -3.68
CA ASP B 315 30.19 29.65 -4.62
C ASP B 315 29.65 28.69 -5.68
N PHE B 316 28.34 28.45 -5.73
CA PHE B 316 27.76 27.44 -6.61
C PHE B 316 27.13 28.13 -7.82
N TYR B 317 27.54 27.73 -9.02
CA TYR B 317 26.91 28.25 -10.23
C TYR B 317 25.49 27.72 -10.31
N THR B 318 24.53 28.61 -10.47
CA THR B 318 23.14 28.19 -10.43
C THR B 318 22.43 28.48 -11.74
N THR B 319 21.35 27.74 -11.98
CA THR B 319 20.46 28.03 -13.10
C THR B 319 19.02 27.86 -12.62
N PHE B 320 18.25 28.93 -12.77
CA PHE B 320 16.81 28.95 -12.59
C PHE B 320 16.22 29.24 -13.94
N ASN B 321 15.45 28.31 -14.50
CA ASN B 321 14.99 28.49 -15.86
C ASN B 321 13.54 28.98 -15.85
N ILE B 322 13.39 30.24 -16.24
CA ILE B 322 12.12 30.95 -16.20
C ILE B 322 12.15 31.99 -17.31
N ARG B 323 10.99 32.28 -17.87
CA ARG B 323 10.83 33.40 -18.78
C ARG B 323 9.66 34.26 -18.32
N PRO B 324 9.75 35.57 -18.49
CA PRO B 324 8.68 36.46 -18.03
C PRO B 324 7.58 36.63 -19.06
N ILE B 325 6.50 37.30 -18.63
CA ILE B 325 5.40 37.64 -19.53
C ILE B 325 5.68 38.91 -20.33
N SER B 326 6.43 39.85 -19.74
CA SER B 326 6.67 41.14 -20.36
C SER B 326 8.16 41.41 -20.51
N PRO B 327 8.59 41.97 -21.64
CA PRO B 327 10.01 42.27 -21.80
C PRO B 327 10.45 43.43 -20.91
N GLU B 328 11.72 43.38 -20.51
CA GLU B 328 12.30 44.41 -19.65
C GLU B 328 12.24 45.77 -20.32
N ASN B 329 12.51 45.82 -21.62
CA ASN B 329 12.47 47.08 -22.37
C ASN B 329 11.16 47.84 -22.17
N LYS B 330 10.03 47.18 -22.37
CA LYS B 330 8.73 47.86 -22.34
C LYS B 330 8.20 48.08 -20.93
N ILE B 331 8.93 47.65 -19.90
CA ILE B 331 8.46 47.76 -18.54
C ILE B 331 9.51 48.47 -17.70
N ASP B 332 9.07 49.04 -16.59
CA ASP B 332 9.98 49.56 -15.58
C ASP B 332 9.98 48.63 -14.37
N LEU B 333 11.13 48.54 -13.71
CA LEU B 333 11.33 47.69 -12.55
C LEU B 333 10.88 48.34 -11.25
N ASN B 334 11.24 49.60 -11.04
CA ASN B 334 10.97 50.29 -9.78
C ASN B 334 9.49 50.48 -9.51
N ASN B 335 8.64 50.15 -10.47
CA ASN B 335 7.20 50.23 -10.26
C ASN B 335 6.76 49.20 -9.22
N GLU B 336 5.82 49.63 -8.37
CA GLU B 336 5.27 48.86 -7.26
C GLU B 336 3.87 48.34 -7.56
N GLN B 337 2.95 49.23 -7.97
CA GLN B 337 1.58 48.89 -8.32
C GLN B 337 1.48 47.83 -9.41
N GLU B 338 2.60 47.51 -10.05
CA GLU B 338 2.65 46.47 -11.07
C GLU B 338 3.20 45.17 -10.51
N ASN B 339 2.56 44.06 -10.88
CA ASN B 339 2.99 42.73 -10.52
C ASN B 339 3.16 41.92 -11.80
N ILE B 340 4.40 41.47 -12.07
CA ILE B 340 4.71 40.72 -13.27
C ILE B 340 4.95 39.26 -12.92
N SER B 341 4.70 38.37 -13.89
CA SER B 341 4.74 36.93 -13.69
C SER B 341 5.71 36.24 -14.64
N PHE B 342 6.42 35.25 -14.11
CA PHE B 342 7.43 34.47 -14.83
C PHE B 342 6.76 33.17 -15.27
N TYR B 343 7.56 32.17 -15.68
CA TYR B 343 7.01 30.84 -15.94
C TYR B 343 8.13 29.81 -15.79
N TYR B 344 7.77 28.57 -15.42
CA TYR B 344 8.80 27.56 -15.14
C TYR B 344 8.69 26.36 -16.07
N GLU B 345 9.69 26.20 -16.95
CA GLU B 345 10.01 25.01 -17.74
C GLU B 345 8.95 24.57 -18.73
N ASN B 346 7.73 25.02 -18.48
CA ASN B 346 6.51 24.51 -19.09
C ASN B 346 5.41 25.44 -18.62
N LEU B 347 4.16 25.02 -18.82
CA LEU B 347 3.08 25.74 -18.15
C LEU B 347 2.82 27.05 -18.89
N PRO B 348 1.79 27.85 -18.54
CA PRO B 348 1.28 28.29 -17.22
C PRO B 348 0.60 27.21 -16.36
N GLU B 349 0.24 27.50 -15.10
CA GLU B 349 0.33 28.80 -14.42
C GLU B 349 1.75 29.40 -14.15
N PRO B 350 1.81 30.73 -13.92
CA PRO B 350 3.09 31.48 -13.96
C PRO B 350 4.09 31.15 -12.87
N PHE B 351 3.74 30.40 -11.83
CA PHE B 351 4.54 30.28 -10.60
C PHE B 351 4.55 31.62 -9.86
N ILE B 352 5.70 32.27 -9.65
CA ILE B 352 5.69 33.37 -8.68
C ILE B 352 5.49 34.72 -9.36
N SER B 353 5.32 35.77 -8.55
CA SER B 353 5.09 37.11 -9.07
C SER B 353 5.57 38.15 -8.06
N THR B 354 5.88 39.34 -8.58
CA THR B 354 6.20 40.52 -7.79
C THR B 354 5.89 41.72 -8.72
N THR B 355 5.42 42.89 -8.25
CA THR B 355 5.52 43.52 -6.92
C THR B 355 6.98 43.84 -6.64
N SER B 356 7.56 43.30 -5.57
CA SER B 356 8.78 43.85 -5.00
C SER B 356 9.88 43.98 -6.07
N ALA B 357 10.39 45.19 -6.22
CA ALA B 357 11.34 45.51 -7.28
C ALA B 357 12.71 44.90 -7.05
N ILE B 358 12.95 44.37 -5.86
CA ILE B 358 14.16 43.61 -5.62
C ILE B 358 14.04 42.20 -6.18
N MET B 359 12.82 41.67 -6.29
CA MET B 359 12.59 40.33 -6.83
C MET B 359 12.70 40.31 -8.35
N LYS B 360 12.02 41.25 -9.02
CA LYS B 360 12.10 41.37 -10.46
C LYS B 360 13.54 41.47 -10.94
N ALA B 361 14.31 42.36 -10.31
CA ALA B 361 15.69 42.61 -10.72
C ALA B 361 16.51 41.32 -10.79
N ILE B 362 16.33 40.43 -9.82
CA ILE B 362 17.07 39.16 -9.84
C ILE B 362 16.48 38.20 -10.87
N LEU B 363 15.21 37.81 -10.71
CA LEU B 363 14.61 36.83 -11.63
C LEU B 363 14.89 37.15 -13.09
N TYR B 364 14.71 38.40 -13.52
CA TYR B 364 15.00 38.75 -14.90
C TYR B 364 16.43 38.38 -15.31
N VAL B 365 17.40 38.49 -14.41
CA VAL B 365 18.74 38.06 -14.75
C VAL B 365 18.88 36.56 -14.66
N TYR B 366 18.01 35.90 -13.90
CA TYR B 366 17.99 34.44 -13.95
C TYR B 366 17.40 33.96 -15.27
N ALA B 367 16.73 34.85 -15.99
CA ALA B 367 16.19 34.60 -17.33
C ALA B 367 17.26 34.83 -18.40
N GLU B 368 17.86 36.03 -18.41
CA GLU B 368 18.90 36.34 -19.40
C GLU B 368 20.02 35.31 -19.40
N ASN B 369 20.30 34.70 -18.25
CA ASN B 369 21.36 33.74 -18.03
C ASN B 369 20.91 32.30 -18.22
N ILE B 370 19.74 32.09 -18.83
CA ILE B 370 19.24 30.74 -19.04
C ILE B 370 20.33 29.86 -19.64
N SER B 371 20.52 28.69 -19.01
CA SER B 371 21.45 27.65 -19.41
C SER B 371 22.92 28.10 -19.52
N ASN B 372 23.33 29.11 -18.75
CA ASN B 372 24.75 29.36 -18.53
C ASN B 372 24.91 29.67 -17.05
N PRO B 373 25.15 28.65 -16.24
CA PRO B 373 25.23 28.83 -14.79
C PRO B 373 26.20 29.94 -14.40
N ILE B 374 25.88 30.61 -13.30
CA ILE B 374 26.60 31.78 -12.82
C ILE B 374 26.69 31.67 -11.30
N ARG B 375 27.78 32.16 -10.75
CA ARG B 375 27.97 32.10 -9.30
C ARG B 375 26.82 32.81 -8.60
N LEU B 376 26.48 32.33 -7.41
CA LEU B 376 25.28 32.83 -6.73
C LEU B 376 25.43 34.29 -6.35
N GLU B 377 26.60 34.68 -5.83
CA GLU B 377 26.87 36.11 -5.59
C GLU B 377 26.69 36.91 -6.88
N GLN B 378 27.29 36.43 -7.97
CA GLN B 378 27.19 37.10 -9.26
C GLN B 378 25.75 37.33 -9.69
N VAL B 379 24.80 36.55 -9.18
CA VAL B 379 23.39 36.86 -9.43
C VAL B 379 23.03 38.19 -8.78
N ALA B 380 23.55 38.43 -7.58
CA ALA B 380 23.34 39.73 -6.93
C ALA B 380 24.10 40.83 -7.65
N LYS B 381 25.34 40.56 -8.08
CA LYS B 381 26.11 41.55 -8.82
C LYS B 381 25.42 41.95 -10.13
N GLU B 382 25.12 40.96 -10.98
CA GLU B 382 24.48 41.23 -12.26
C GLU B 382 23.09 41.83 -12.06
N ALA B 383 22.33 41.33 -11.09
CA ALA B 383 21.04 41.92 -10.77
C ALA B 383 21.19 43.35 -10.26
N PHE B 384 22.36 43.68 -9.69
CA PHE B 384 22.64 45.04 -9.25
C PHE B 384 22.93 45.93 -10.46
N LYS B 385 23.96 45.58 -11.24
CA LYS B 385 24.31 46.38 -12.40
C LYS B 385 23.13 46.55 -13.34
N LYS B 386 22.24 45.57 -13.40
CA LYS B 386 21.06 45.68 -14.25
C LYS B 386 20.22 46.90 -13.86
N LEU B 387 19.94 47.05 -12.57
CA LEU B 387 19.29 48.25 -12.06
C LEU B 387 20.11 48.75 -10.88
N GLY B 388 20.79 49.88 -11.04
CA GLY B 388 21.34 50.55 -9.88
C GLY B 388 20.21 51.17 -9.11
N LYS B 389 19.95 50.69 -7.90
CA LYS B 389 18.99 51.33 -7.01
C LYS B 389 19.52 51.34 -5.58
N TYR B 390 19.61 50.15 -5.01
CA TYR B 390 19.96 49.88 -3.62
C TYR B 390 21.40 49.36 -3.55
N ARG B 391 21.80 48.92 -2.36
CA ARG B 391 23.11 48.31 -2.14
C ARG B 391 23.12 46.92 -2.79
N LEU B 392 24.28 46.24 -2.74
CA LEU B 392 24.37 44.86 -3.23
C LEU B 392 23.93 43.83 -2.18
N GLN B 393 24.35 44.01 -0.92
CA GLN B 393 24.08 43.08 0.15
C GLN B 393 22.60 42.90 0.46
N ASP B 394 21.76 43.83 0.02
CA ASP B 394 20.31 43.68 0.12
C ASP B 394 19.78 42.75 -0.96
N PHE B 395 20.38 42.80 -2.16
CA PHE B 395 20.08 41.77 -3.16
C PHE B 395 20.48 40.41 -2.62
N LEU B 396 21.64 40.34 -1.96
CA LEU B 396 22.06 39.10 -1.33
C LEU B 396 21.13 38.70 -0.19
N ALA B 397 20.47 39.67 0.44
CA ALA B 397 19.54 39.36 1.52
C ALA B 397 18.34 38.60 0.98
N THR B 398 17.61 39.21 0.04
CA THR B 398 16.47 38.54 -0.58
C THR B 398 16.87 37.23 -1.23
N LEU B 399 18.10 37.14 -1.73
CA LEU B 399 18.57 35.88 -2.28
C LEU B 399 18.74 34.82 -1.20
N GLU B 400 19.29 35.20 -0.04
CA GLU B 400 19.44 34.25 1.05
C GLU B 400 18.09 33.85 1.63
N GLN B 401 17.23 34.83 1.90
CA GLN B 401 16.00 34.61 2.67
C GLN B 401 15.11 33.53 2.06
N HIS B 402 14.41 33.79 0.97
CA HIS B 402 13.78 32.68 0.24
C HIS B 402 14.37 32.67 -1.16
N PHE B 403 15.39 31.85 -1.38
CA PHE B 403 15.81 31.27 -2.65
C PHE B 403 16.19 29.83 -2.34
N ILE B 404 17.11 29.68 -1.40
CA ILE B 404 17.72 28.42 -1.01
C ILE B 404 16.65 27.34 -0.93
N THR B 405 15.51 27.68 -0.33
CA THR B 405 14.34 26.80 -0.35
C THR B 405 13.98 26.37 -1.76
N LEU B 406 14.08 27.30 -2.73
CA LEU B 406 13.80 26.93 -4.13
C LEU B 406 14.88 26.01 -4.70
N ILE B 407 16.12 26.13 -4.21
CA ILE B 407 17.16 25.22 -4.70
C ILE B 407 17.05 23.85 -4.06
N PHE B 408 16.39 23.72 -2.90
CA PHE B 408 16.16 22.42 -2.32
C PHE B 408 14.86 21.78 -2.78
N GLN B 409 14.04 22.53 -3.51
CA GLN B 409 12.84 21.99 -4.15
C GLN B 409 13.09 21.59 -5.59
N GLY B 410 14.33 21.70 -6.05
CA GLY B 410 14.72 21.31 -7.40
C GLY B 410 14.51 22.35 -8.47
N TYR B 411 13.94 23.51 -8.15
CA TYR B 411 13.68 24.51 -9.17
C TYR B 411 14.92 25.28 -9.57
N LEU B 412 15.98 25.21 -8.77
CA LEU B 412 17.26 25.84 -9.06
C LEU B 412 18.33 24.77 -9.05
N LYS B 413 19.10 24.70 -10.13
CA LYS B 413 20.14 23.69 -10.26
C LYS B 413 21.47 24.31 -9.88
N ILE B 414 22.32 23.51 -9.22
CA ILE B 414 23.60 23.96 -8.70
C ILE B 414 24.71 23.16 -9.37
N PHE B 415 25.83 23.83 -9.61
CA PHE B 415 26.96 23.23 -10.31
C PHE B 415 28.28 23.77 -9.77
N GLU B 416 29.23 22.87 -9.58
N GLU B 416 29.24 22.87 -9.60
CA GLU B 416 30.66 23.21 -9.45
CA GLU B 416 30.63 23.26 -9.56
C GLU B 416 31.50 22.14 -10.17
C GLU B 416 31.42 22.15 -10.24
N THR B 417 32.32 22.52 -11.14
CA THR B 417 32.40 23.88 -11.64
C THR B 417 31.38 23.99 -12.77
N LYS B 418 31.41 25.11 -13.48
CA LYS B 418 30.55 25.29 -14.63
C LYS B 418 30.70 24.11 -15.58
N PRO B 419 29.64 23.65 -16.23
CA PRO B 419 29.83 22.58 -17.21
C PRO B 419 30.43 23.20 -18.46
N HIS B 420 30.98 22.37 -19.33
CA HIS B 420 31.62 22.94 -20.50
C HIS B 420 30.58 22.96 -21.62
N ALA B 421 30.07 24.16 -21.89
CA ALA B 421 29.03 24.45 -22.87
C ALA B 421 28.81 25.94 -22.80
N ILE B 422 28.15 26.50 -23.81
CA ILE B 422 27.96 27.95 -23.85
C ILE B 422 26.51 28.30 -24.18
N ALA B 423 26.12 29.47 -23.69
CA ALA B 423 24.81 30.07 -23.91
C ALA B 423 24.77 31.02 -25.09
N THR B 424 25.84 31.08 -25.90
CA THR B 424 25.87 31.96 -27.06
C THR B 424 26.13 31.17 -28.33
N ILE B 425 25.74 31.77 -29.45
CA ILE B 425 25.88 31.18 -30.78
C ILE B 425 27.22 31.64 -31.35
N THR B 426 28.09 30.67 -31.66
CA THR B 426 29.49 30.91 -31.96
C THR B 426 29.73 31.35 -33.41
N GLU B 427 28.68 31.51 -34.21
CA GLU B 427 28.71 31.97 -35.61
C GLU B 427 29.35 30.92 -36.53
N LYS B 428 30.00 29.93 -35.92
CA LYS B 428 30.37 28.68 -36.57
C LYS B 428 30.19 27.61 -35.51
N PRO B 429 28.94 27.31 -35.14
CA PRO B 429 28.70 26.47 -33.95
C PRO B 429 29.42 25.14 -33.97
N LYS B 430 29.67 24.61 -32.79
CA LYS B 430 30.41 23.37 -32.62
C LYS B 430 29.84 22.66 -31.41
N THR B 431 29.82 21.33 -31.48
CA THR B 431 29.25 20.49 -30.45
C THR B 431 30.33 19.50 -30.02
N SER B 432 29.98 18.62 -29.09
CA SER B 432 30.92 17.60 -28.66
C SER B 432 31.05 16.56 -29.76
N GLN B 433 32.25 15.99 -29.90
CA GLN B 433 32.42 14.85 -30.80
C GLN B 433 31.41 13.75 -30.47
N PHE B 434 30.98 13.71 -29.21
CA PHE B 434 30.06 12.69 -28.78
C PHE B 434 28.67 12.94 -29.35
N ALA B 435 28.04 14.05 -28.98
CA ALA B 435 26.72 14.37 -29.53
C ALA B 435 26.70 14.32 -31.06
N ARG B 436 27.81 14.68 -31.70
CA ARG B 436 27.88 14.60 -33.15
C ARG B 436 28.05 13.17 -33.63
N TYR B 437 28.52 12.28 -32.76
CA TYR B 437 28.57 10.85 -33.10
C TYR B 437 27.19 10.22 -32.87
N GLN B 438 26.58 10.55 -31.73
CA GLN B 438 25.22 10.12 -31.44
C GLN B 438 24.28 10.50 -32.58
N ALA B 439 24.53 11.64 -33.21
CA ALA B 439 23.69 12.05 -34.32
C ALA B 439 23.91 11.18 -35.56
N LYS B 440 24.86 10.24 -35.52
CA LYS B 440 25.04 9.30 -36.62
C LYS B 440 24.06 8.14 -36.46
N HIS B 441 24.17 7.42 -35.34
CA HIS B 441 23.31 6.27 -35.09
C HIS B 441 21.96 6.77 -34.63
N ALA B 442 20.91 6.32 -35.31
CA ALA B 442 19.58 6.82 -35.01
C ALA B 442 19.05 6.31 -33.67
N HIS B 443 18.74 5.01 -33.60
CA HIS B 443 17.92 4.49 -32.51
C HIS B 443 16.64 5.33 -32.39
N PHE B 444 15.94 5.44 -33.52
CA PHE B 444 14.76 6.28 -33.67
C PHE B 444 13.60 5.82 -32.80
N THR B 448 7.20 5.78 -30.86
CA THR B 448 8.18 6.52 -31.64
C THR B 448 7.96 8.03 -31.52
N ASN B 449 9.02 8.77 -31.16
CA ASN B 449 8.91 10.21 -31.18
C ASN B 449 10.06 10.90 -31.93
N MET B 450 11.27 10.86 -31.37
CA MET B 450 12.39 11.58 -31.96
C MET B 450 13.70 10.93 -31.51
N PHE B 451 14.82 11.55 -31.89
CA PHE B 451 16.14 11.08 -31.53
C PHE B 451 16.53 11.50 -30.11
N SER B 452 17.44 10.74 -29.51
CA SER B 452 18.01 11.07 -28.21
C SER B 452 19.48 11.41 -28.38
N ILE B 453 19.90 12.56 -27.83
CA ILE B 453 21.27 13.04 -27.92
C ILE B 453 21.72 13.51 -26.53
N THR B 454 22.99 13.27 -26.21
CA THR B 454 23.53 13.61 -24.90
C THR B 454 24.21 14.97 -24.92
N ASN B 455 23.70 15.88 -24.11
CA ASN B 455 24.31 17.20 -23.98
C ASN B 455 25.51 17.10 -23.03
N ARG B 456 26.05 18.25 -22.65
CA ARG B 456 27.26 18.31 -21.83
C ARG B 456 27.00 17.93 -20.38
N LEU B 457 25.74 17.82 -19.95
CA LEU B 457 25.39 17.45 -18.59
C LEU B 457 25.13 15.97 -18.43
N ASN B 458 25.35 15.18 -19.48
CA ASN B 458 25.09 13.74 -19.57
C ASN B 458 23.59 13.47 -19.71
N ASP B 459 22.75 14.50 -19.66
CA ASP B 459 21.31 14.33 -19.79
C ASP B 459 20.96 13.98 -21.24
N MET B 460 19.79 13.36 -21.42
CA MET B 460 19.35 12.90 -22.73
C MET B 460 18.23 13.81 -23.23
N ILE B 461 18.44 14.37 -24.41
CA ILE B 461 17.56 15.34 -25.04
C ILE B 461 16.87 14.69 -26.22
N GLY B 462 15.58 14.98 -26.38
CA GLY B 462 14.90 14.66 -27.60
C GLY B 462 15.35 15.60 -28.69
N ILE B 463 15.10 15.22 -29.94
CA ILE B 463 15.46 16.07 -31.07
C ILE B 463 14.80 15.56 -32.35
N PRO B 464 14.21 16.44 -33.17
CA PRO B 464 13.61 15.99 -34.42
C PRO B 464 14.65 15.58 -35.44
N ILE B 465 14.19 15.13 -36.61
CA ILE B 465 15.14 14.66 -37.62
C ILE B 465 15.90 15.85 -38.22
N HIS B 466 15.18 16.90 -38.62
CA HIS B 466 15.83 18.06 -39.20
C HIS B 466 16.83 18.69 -38.23
N GLU B 467 16.50 18.68 -36.93
CA GLU B 467 17.47 19.18 -35.95
C GLU B 467 18.68 18.27 -35.86
N LYS B 468 18.52 16.96 -36.11
CA LYS B 468 19.69 16.10 -36.18
C LYS B 468 20.53 16.38 -37.43
N TYR B 469 19.88 16.81 -38.51
CA TYR B 469 20.58 17.15 -39.75
C TYR B 469 21.29 18.49 -39.63
N ILE B 470 20.75 19.39 -38.82
CA ILE B 470 21.43 20.64 -38.49
C ILE B 470 22.55 20.39 -37.47
N LEU B 471 22.32 19.47 -36.55
CA LEU B 471 23.24 19.25 -35.44
C LEU B 471 24.52 18.56 -35.90
N GLU B 472 24.41 17.33 -36.44
CA GLU B 472 25.59 16.56 -36.78
C GLU B 472 26.52 17.34 -37.70
N MET B 473 26.03 18.40 -38.33
CA MET B 473 26.81 19.19 -39.26
C MET B 473 27.58 20.33 -38.61
N LEU B 474 27.52 20.51 -37.29
CA LEU B 474 28.29 21.58 -36.67
C LEU B 474 29.53 20.93 -36.05
N ASP B 475 30.66 21.06 -36.74
CA ASP B 475 31.99 20.79 -36.19
C ASP B 475 32.75 22.06 -35.87
N GLY B 476 32.15 23.23 -36.10
CA GLY B 476 32.86 24.49 -36.07
C GLY B 476 33.41 24.91 -37.42
N THR B 477 33.33 24.06 -38.44
CA THR B 477 33.79 24.44 -39.77
C THR B 477 32.74 25.24 -40.54
N HIS B 478 31.45 24.99 -40.29
CA HIS B 478 30.38 25.59 -41.08
C HIS B 478 29.73 26.74 -40.34
N ASN B 479 29.55 27.85 -41.04
CA ASN B 479 28.80 29.03 -40.62
C ASN B 479 27.30 28.78 -40.79
N ILE B 480 26.50 29.66 -40.17
CA ILE B 480 25.05 29.48 -40.10
C ILE B 480 24.44 29.26 -41.47
N ASP B 481 25.06 29.77 -42.54
CA ASP B 481 24.50 29.56 -43.86
C ASP B 481 24.80 28.15 -44.39
N ASP B 482 26.01 27.65 -44.17
CA ASP B 482 26.42 26.37 -44.77
C ASP B 482 25.42 25.27 -44.46
N ILE B 483 24.94 25.25 -43.21
CA ILE B 483 23.89 24.31 -42.85
C ILE B 483 22.61 24.66 -43.60
N LYS B 484 22.24 25.94 -43.66
CA LYS B 484 21.04 26.34 -44.39
C LYS B 484 21.05 25.77 -45.79
N LYS B 485 22.18 25.85 -46.50
CA LYS B 485 22.29 25.23 -47.82
C LYS B 485 22.05 23.74 -47.74
N SER B 486 22.84 23.04 -46.89
CA SER B 486 22.73 21.59 -46.84
C SER B 486 21.32 21.14 -46.47
N ILE B 487 20.56 21.99 -45.80
CA ILE B 487 19.16 21.74 -45.50
C ILE B 487 18.31 22.04 -46.72
N ILE B 488 18.65 23.11 -47.46
CA ILE B 488 17.89 23.45 -48.64
C ILE B 488 17.87 22.27 -49.62
N GLU B 489 19.03 21.64 -49.84
CA GLU B 489 19.02 20.43 -50.68
C GLU B 489 18.14 19.34 -50.07
N LYS B 490 18.46 18.91 -48.85
CA LYS B 490 17.76 17.81 -48.21
C LYS B 490 16.24 17.98 -48.24
N ILE B 491 15.76 19.21 -48.14
CA ILE B 491 14.33 19.48 -48.26
C ILE B 491 13.93 19.44 -49.74
N ASN B 492 14.73 20.09 -50.59
CA ASN B 492 14.47 20.15 -52.03
C ASN B 492 14.58 18.77 -52.67
N SER B 493 15.51 17.97 -52.19
CA SER B 493 15.82 16.64 -52.70
C SER B 493 15.19 15.62 -51.75
N LYS B 494 15.58 14.35 -51.87
CA LYS B 494 15.00 13.29 -51.03
C LYS B 494 15.55 13.47 -49.61
N LEU B 495 15.29 12.49 -48.75
CA LEU B 495 15.47 12.66 -47.31
C LEU B 495 14.49 13.73 -46.87
N LEU B 496 14.92 14.85 -46.30
CA LEU B 496 14.02 15.81 -45.64
C LEU B 496 12.86 16.23 -46.55
N THR B 497 11.69 16.39 -45.94
CA THR B 497 10.58 17.11 -46.55
C THR B 497 9.96 18.00 -45.48
N ALA B 498 9.09 18.90 -45.90
CA ALA B 498 8.45 19.80 -44.95
C ALA B 498 7.20 20.40 -45.56
N CYS B 499 6.32 20.89 -44.69
CA CYS B 499 5.09 21.53 -45.10
C CYS B 499 4.89 22.81 -44.29
N ASP B 500 4.06 23.69 -44.82
CA ASP B 500 3.76 24.99 -44.24
C ASP B 500 2.25 25.20 -44.25
N ASN B 501 1.75 25.97 -43.29
CA ASN B 501 0.33 25.92 -42.95
C ASN B 501 -0.56 26.59 -44.02
N LYS B 502 -1.90 26.49 -43.89
CA LYS B 502 -2.53 25.48 -43.05
C LYS B 502 -2.54 24.15 -43.79
N GLY B 503 -1.83 23.19 -43.19
CA GLY B 503 -1.49 21.89 -43.77
C GLY B 503 -0.91 22.06 -45.17
N GLN B 504 -1.25 21.18 -46.11
CA GLN B 504 -0.89 21.29 -47.55
C GLN B 504 0.59 21.63 -47.74
N VAL B 505 0.93 22.64 -48.57
CA VAL B 505 2.29 23.10 -48.93
C VAL B 505 3.07 22.02 -49.68
N VAL B 506 4.27 21.61 -49.20
CA VAL B 506 5.32 20.89 -49.93
C VAL B 506 6.17 21.92 -50.68
N THR B 507 5.78 23.18 -50.55
CA THR B 507 6.52 24.45 -50.84
C THR B 507 6.97 24.58 -52.30
N ASP B 508 8.18 25.16 -52.52
CA ASP B 508 8.53 25.99 -53.67
C ASP B 508 9.94 26.55 -53.42
N PRO B 509 10.68 27.10 -54.44
CA PRO B 509 12.07 27.45 -54.16
C PRO B 509 12.35 28.55 -53.13
N LYS B 510 11.65 29.69 -53.22
CA LYS B 510 11.93 30.82 -52.33
C LYS B 510 11.28 30.70 -50.95
N LEU B 511 10.04 30.19 -50.88
CA LEU B 511 9.36 30.11 -49.60
C LEU B 511 9.92 29.02 -48.70
N LEU B 512 10.53 27.98 -49.28
CA LEU B 512 11.20 27.00 -48.44
C LEU B 512 12.41 27.62 -47.76
N LYS B 513 13.04 28.59 -48.41
CA LYS B 513 14.26 29.20 -47.91
C LYS B 513 14.03 29.79 -46.53
N GLU B 514 13.18 30.81 -46.41
CA GLU B 514 12.90 31.43 -45.12
C GLU B 514 12.31 30.44 -44.11
N PHE B 515 11.59 29.41 -44.57
CA PHE B 515 11.15 28.36 -43.65
C PHE B 515 12.37 27.68 -43.03
N VAL B 516 13.38 27.42 -43.87
CA VAL B 516 14.61 26.82 -43.38
C VAL B 516 15.40 27.83 -42.56
N ASP B 517 15.17 29.13 -42.74
CA ASP B 517 15.81 30.12 -41.89
C ASP B 517 15.24 30.09 -40.48
N TYR B 518 13.91 30.18 -40.38
CA TYR B 518 13.26 30.12 -39.07
C TYR B 518 13.61 28.82 -38.35
N VAL B 519 13.44 27.70 -39.04
CA VAL B 519 13.70 26.40 -38.41
C VAL B 519 15.17 26.26 -38.03
N VAL B 520 16.08 27.01 -38.67
CA VAL B 520 17.48 26.96 -38.26
C VAL B 520 17.74 27.85 -37.05
N ALA B 521 17.04 28.98 -36.95
CA ALA B 521 17.25 29.82 -35.78
C ALA B 521 16.70 29.15 -34.52
N VAL B 522 15.51 28.57 -34.62
CA VAL B 522 14.94 27.86 -33.47
C VAL B 522 15.82 26.68 -33.09
N SER B 523 16.29 25.90 -34.07
CA SER B 523 17.10 24.74 -33.74
C SER B 523 18.41 25.15 -33.08
N LEU B 524 19.02 26.25 -33.54
CA LEU B 524 20.28 26.67 -32.94
C LEU B 524 20.06 27.26 -31.55
N GLU B 525 18.90 27.89 -31.32
CA GLU B 525 18.57 28.37 -29.98
C GLU B 525 18.35 27.20 -29.02
N LYS B 526 17.57 26.20 -29.44
CA LYS B 526 17.42 25.00 -28.64
C LYS B 526 18.77 24.38 -28.32
N PHE B 527 19.66 24.31 -29.31
CA PHE B 527 21.00 23.79 -29.06
C PHE B 527 21.76 24.69 -28.09
N ARG B 528 21.38 25.97 -28.04
CA ARG B 528 22.02 26.91 -27.14
C ARG B 528 21.66 26.57 -25.70
N ILE B 529 20.37 26.70 -25.36
CA ILE B 529 19.90 26.59 -23.98
C ILE B 529 19.88 25.16 -23.44
N ASN B 530 20.19 24.17 -24.29
CA ASN B 530 20.19 22.78 -23.85
C ASN B 530 21.58 22.26 -23.48
N TYR B 531 22.59 23.13 -23.48
CA TYR B 531 23.97 22.76 -23.17
C TYR B 531 24.56 21.86 -24.26
N LEU B 532 24.11 22.05 -25.48
CA LEU B 532 24.63 21.35 -26.64
C LEU B 532 25.67 22.14 -27.41
N LEU B 533 26.07 23.31 -26.93
CA LEU B 533 27.01 24.17 -27.66
C LEU B 533 28.33 24.21 -26.90
N VAL B 534 29.35 23.54 -27.45
CA VAL B 534 30.68 23.54 -26.83
C VAL B 534 31.60 24.61 -27.39
N GLY B 535 31.20 25.30 -28.45
CA GLY B 535 32.14 26.17 -29.13
C GLY B 535 31.69 26.58 -30.52
N SAH C . -6.24 -20.50 18.54
CA SAH C . -6.25 -19.59 19.68
CB SAH C . -4.88 -18.96 19.88
CG SAH C . -3.98 -19.03 18.65
SD SAH C . -2.34 -18.33 18.95
C SAH C . -7.31 -18.50 19.53
O SAH C . -7.59 -18.04 18.42
OXT SAH C . -7.93 -18.07 20.51
C5' SAH C . -1.55 -19.69 18.08
C4' SAH C . -1.25 -20.87 19.01
O4' SAH C . -0.63 -21.94 18.32
C3' SAH C . -0.30 -20.45 20.11
O3' SAH C . -1.00 -20.35 21.34
C2' SAH C . 0.74 -21.55 20.18
O2' SAH C . 0.84 -22.06 21.49
C1' SAH C . 0.23 -22.62 19.21
N9 SAH C . 1.37 -23.28 18.55
C8 SAH C . 2.40 -22.69 17.88
N7 SAH C . 3.24 -23.65 17.43
C5 SAH C . 2.76 -24.85 17.81
C6 SAH C . 3.22 -26.15 17.61
N6 SAH C . 4.34 -26.36 16.93
N1 SAH C . 2.50 -27.21 18.13
C2 SAH C . 1.33 -26.97 18.81
N3 SAH C . 0.88 -25.69 19.01
C4 SAH C . 1.58 -24.64 18.52
N SAH D . 23.74 0.35 -15.98
CA SAH D . 23.10 0.31 -17.29
CB SAH D . 22.26 -0.96 -17.45
CG SAH D . 21.90 -1.64 -16.14
SD SAH D . 20.99 -3.18 -16.39
C SAH D . 22.24 1.54 -17.54
O SAH D . 22.71 2.53 -18.11
OXT SAH D . 21.07 1.57 -17.17
C5' SAH D . 22.03 -3.98 -15.13
C4' SAH D . 23.32 -4.53 -15.75
O4' SAH D . 24.13 -5.14 -14.76
C3' SAH D . 23.05 -5.58 -16.80
O3' SAH D . 23.33 -5.06 -18.08
C2' SAH D . 23.99 -6.72 -16.48
O2' SAH D . 24.81 -7.01 -17.59
C1' SAH D . 24.86 -6.19 -15.35
N9 SAH D . 25.20 -7.26 -14.38
C8 SAH D . 24.31 -8.10 -13.76
N7 SAH D . 25.02 -8.95 -12.96
C5 SAH D . 26.33 -8.67 -13.08
C6 SAH D . 27.46 -9.22 -12.49
N6 SAH D . 27.36 -10.23 -11.62
N1 SAH D . 28.71 -8.71 -12.80
C2 SAH D . 28.82 -7.66 -13.69
N3 SAH D . 27.69 -7.12 -14.27
C4 SAH D . 26.45 -7.62 -13.97
#